data_9KWC
#
_entry.id   9KWC
#
_cell.length_a   1.00
_cell.length_b   1.00
_cell.length_c   1.00
_cell.angle_alpha   90.00
_cell.angle_beta   90.00
_cell.angle_gamma   90.00
#
_symmetry.space_group_name_H-M   'P 1'
#
loop_
_entity.id
_entity.type
_entity.pdbx_description
1 polymer LbCas12a
2 polymer 'RNA (25-MER)'
#
loop_
_entity_poly.entity_id
_entity_poly.type
_entity_poly.pdbx_seq_one_letter_code
_entity_poly.pdbx_strand_id
1 'polypeptide(L)'
;SKLEKFTNCYSLSKTLRFKAIPVGKTQENIDNKRLLVEDEKRAEDYKGVKKLLDRYYLSFINDVLHSIKLKNLNNYISLF
RKKTRTEKENKELENLEINLRKEIAKAFKGNEGYKSLFKKDIIETILPEFLDDKDEIALVNSFNGFTTAFTGFFDNRENM
FSEEAKSTSIAFRCINENLTRYISNMDIFEKVDAIFDKHEVQEIKEKILNSDYDVEDFFEGEFFNFVLTQEGIDVYNAII
GGFVTESGEKIKGLNEYINLYNQKTKQKLPKFKPLYKQVLSDRESLSFYGEGYTSDEEVLEVFRNTLNKNSEIFSSIKKL
EKLFKNFDEYSSAGIFVKNGPAISTISKDIFGEWNVIRDKWNAEYDDIHLKKKAVVTEKYEDDRRKSFKKIGSFSLEQLQ
EYADADLSVVEKLKEIIIQKVDEIYKVYGSSEKLFDADFVLEKSLKKNDAVVAIMKDLLDSVKSFENYIKAFFGEGKETN
RDESFYGDFVLAYDILLKVDHIYDAIRNYVTQKPYSKDKFKLYFQNPQFMGGWDKDKETDYRATILRYGSKYYLAIMDKK
YAKCLQKIDKDDVNGNYEKINYKLLPGPNKMLPKVFFSKKWMAYYNPSEDIQKIYKNGTFKKGDMFNLNDCHKLIDFFKD
SISRYPKWSNAYDFNFSETEKYKDIAGFYREVEEQGYKVSFESASKKEVDKLVEEGKLYMFQIYNKDFSDKSHGTPNLHT
MYFKLLFDENNHGQIRLSGGAELFMRRASLKKEELVVHPANSPIANKNPDNPKKTTTLSYDVYKDKRFSEDQYELHIPIA
INKCPKNIFKINTEVRVLLKHDDNPYVIGIDRGERNLLYIVVVDGKGNIVEQYSLNEIINNFNGIRIKTDYHSLLDKKEK
ERFEARQNWTSIENIKELKAGYISQVVHKICELVEKYDAVIALEDLNSGFKNSRVKVEKQVYQKFEKMLIDKLNYMVDKK
SNPCATGGALKGYQITNKFESFKSMSTQNGFIFYIPAWLTSKIDPSTGFVNLLKTKYTSIADSKKFISSFDRIMYVPEED
LFEFALDYKNFSRTDADYIKKWKLYSYGNRIRIFRNPKKNNVFDWEEVCLTSAYKELFNKYGINYQQGDIRALLCEQSDK
AFYSSFMALMSLMLQMRNSITGRTDVDFLISPVKNSDGIFYDSRNYEAQENAILPKNADANGAYNIARKVLWAIGQFKKA
EDEKLDKVKIAISNKEWLEYAQTSV
;
A
2 'polyribonucleotide' AAUUUCUACUAAGUGUAGAUGGGGU G
#
loop_
_chem_comp.id
_chem_comp.type
_chem_comp.name
_chem_comp.formula
A RNA linking ADENOSINE-5'-MONOPHOSPHATE 'C10 H14 N5 O7 P'
C RNA linking CYTIDINE-5'-MONOPHOSPHATE 'C9 H14 N3 O8 P'
G RNA linking GUANOSINE-5'-MONOPHOSPHATE 'C10 H14 N5 O8 P'
U RNA linking URIDINE-5'-MONOPHOSPHATE 'C9 H13 N2 O9 P'
#
# COMPACT_ATOMS: atom_id res chain seq x y z
N SER A 1 -23.60 -11.89 23.98
CA SER A 1 -22.35 -11.27 23.52
C SER A 1 -22.33 -11.10 22.02
N LYS A 2 -22.10 -9.87 21.57
CA LYS A 2 -22.10 -9.60 20.14
C LYS A 2 -20.99 -10.30 19.37
N LEU A 3 -19.82 -10.46 19.97
CA LEU A 3 -18.70 -11.13 19.31
C LEU A 3 -18.95 -12.61 19.14
N GLU A 4 -19.50 -13.25 20.16
CA GLU A 4 -19.73 -14.70 20.13
C GLU A 4 -20.49 -15.21 18.92
N LYS A 5 -21.44 -14.43 18.45
CA LYS A 5 -22.23 -14.82 17.29
C LYS A 5 -21.34 -15.16 16.14
N PHE A 6 -20.34 -14.33 15.91
CA PHE A 6 -19.49 -14.53 14.75
C PHE A 6 -18.39 -15.56 14.92
N THR A 7 -18.73 -16.84 14.77
CA THR A 7 -17.75 -17.92 14.83
C THR A 7 -18.17 -18.90 13.75
N ASN A 8 -17.25 -19.72 13.24
CA ASN A 8 -17.54 -20.68 12.17
C ASN A 8 -18.24 -20.03 10.98
N CYS A 9 -17.73 -18.90 10.51
CA CYS A 9 -18.40 -18.19 9.44
C CYS A 9 -17.84 -18.49 8.07
N TYR A 10 -16.60 -18.09 7.84
CA TYR A 10 -15.98 -18.32 6.55
C TYR A 10 -14.99 -19.45 6.68
N SER A 11 -13.96 -19.44 5.84
CA SER A 11 -12.96 -20.47 5.91
C SER A 11 -11.67 -20.02 5.29
N LEU A 12 -10.76 -19.53 6.11
CA LEU A 12 -9.45 -19.18 5.59
C LEU A 12 -8.50 -20.32 5.79
N SER A 13 -7.45 -20.34 5.01
CA SER A 13 -6.45 -21.37 5.17
C SER A 13 -5.17 -20.63 5.52
N LYS A 14 -4.18 -21.34 6.03
CA LYS A 14 -2.91 -20.71 6.37
C LYS A 14 -1.76 -21.68 6.16
N THR A 15 -0.55 -21.23 6.42
CA THR A 15 0.61 -22.11 6.32
C THR A 15 1.48 -21.94 7.53
N LEU A 16 1.31 -22.80 8.52
CA LEU A 16 2.17 -22.74 9.69
C LEU A 16 3.58 -23.13 9.29
N ARG A 17 4.48 -22.18 9.11
CA ARG A 17 5.86 -22.51 8.81
C ARG A 17 6.54 -23.04 10.05
N PHE A 18 7.54 -23.89 9.86
CA PHE A 18 8.31 -24.42 10.97
C PHE A 18 9.69 -24.79 10.48
N LYS A 19 10.52 -25.32 11.36
CA LYS A 19 11.84 -25.75 10.93
C LYS A 19 11.96 -27.21 11.22
N ALA A 20 12.79 -27.89 10.45
CA ALA A 20 13.02 -29.30 10.72
C ALA A 20 14.52 -29.47 10.86
N ILE A 21 14.94 -30.26 11.83
CA ILE A 21 16.36 -30.49 12.03
C ILE A 21 16.63 -31.96 11.84
N PRO A 22 17.57 -32.30 10.95
CA PRO A 22 17.82 -33.70 10.65
C PRO A 22 18.21 -34.54 11.85
N VAL A 23 17.24 -35.26 12.43
CA VAL A 23 17.54 -36.13 13.56
C VAL A 23 18.15 -37.44 13.10
N GLY A 24 18.95 -38.07 13.95
CA GLY A 24 19.57 -39.33 13.60
C GLY A 24 20.71 -39.13 12.61
N LYS A 25 20.87 -40.07 11.69
CA LYS A 25 21.90 -39.94 10.67
C LYS A 25 21.34 -39.38 9.39
N THR A 26 20.14 -38.79 9.45
CA THR A 26 19.49 -38.22 8.27
C THR A 26 20.40 -37.36 7.44
N GLN A 27 21.07 -36.38 8.06
CA GLN A 27 21.93 -35.47 7.30
C GLN A 27 23.01 -36.19 6.53
N GLU A 28 23.76 -37.04 7.20
CA GLU A 28 24.80 -37.79 6.53
C GLU A 28 24.24 -38.69 5.46
N ASN A 29 23.12 -39.36 5.72
CA ASN A 29 22.48 -40.19 4.71
C ASN A 29 22.06 -39.40 3.49
N ILE A 30 21.47 -38.21 3.69
CA ILE A 30 21.13 -37.35 2.58
C ILE A 30 22.40 -37.08 1.81
N ASP A 31 23.46 -36.69 2.50
CA ASP A 31 24.71 -36.37 1.83
C ASP A 31 25.35 -37.55 1.14
N ASN A 32 25.20 -38.74 1.69
CA ASN A 32 25.75 -39.95 1.08
C ASN A 32 25.06 -40.16 -0.25
N LYS A 33 23.74 -40.06 -0.24
CA LYS A 33 22.98 -40.31 -1.45
C LYS A 33 22.76 -39.08 -2.30
N ARG A 34 23.46 -37.98 -2.01
CA ARG A 34 23.28 -36.71 -2.73
C ARG A 34 21.82 -36.46 -2.99
N LEU A 35 21.00 -36.57 -1.96
CA LEU A 35 19.55 -36.46 -2.11
C LEU A 35 19.03 -35.06 -2.32
N LEU A 36 19.86 -34.05 -2.16
CA LEU A 36 19.34 -32.70 -2.24
C LEU A 36 20.04 -31.81 -3.26
N VAL A 37 21.11 -32.30 -3.87
CA VAL A 37 21.87 -31.47 -4.82
C VAL A 37 21.16 -31.39 -6.17
N GLU A 38 20.27 -32.32 -6.45
CA GLU A 38 19.51 -32.26 -7.68
C GLU A 38 18.35 -31.28 -7.48
N ASP A 39 17.85 -31.14 -6.26
CA ASP A 39 16.82 -30.15 -5.99
C ASP A 39 17.49 -28.81 -6.09
N GLU A 40 18.71 -28.72 -5.57
CA GLU A 40 19.46 -27.49 -5.64
C GLU A 40 19.81 -27.15 -7.07
N LYS A 41 20.24 -28.13 -7.85
CA LYS A 41 20.63 -27.90 -9.24
C LYS A 41 19.46 -27.34 -10.03
N ARG A 42 18.30 -27.97 -9.89
CA ARG A 42 17.12 -27.52 -10.59
C ARG A 42 16.78 -26.11 -10.19
N ALA A 43 16.88 -25.81 -8.90
CA ALA A 43 16.53 -24.47 -8.41
C ALA A 43 17.53 -23.43 -8.83
N GLU A 44 18.66 -23.83 -9.42
CA GLU A 44 19.62 -22.87 -9.93
C GLU A 44 19.42 -22.77 -11.44
N ASP A 45 18.62 -23.67 -11.99
CA ASP A 45 18.37 -23.66 -13.42
C ASP A 45 16.96 -23.21 -13.73
N TYR A 46 16.19 -22.86 -12.70
CA TYR A 46 14.81 -22.42 -12.89
C TYR A 46 14.79 -21.26 -13.85
N LYS A 47 15.57 -20.24 -13.57
CA LYS A 47 15.63 -19.07 -14.43
C LYS A 47 16.04 -19.43 -15.85
N GLY A 48 17.08 -20.24 -15.99
CA GLY A 48 17.53 -20.64 -17.31
C GLY A 48 16.42 -21.24 -18.14
N VAL A 49 15.72 -22.23 -17.58
CA VAL A 49 14.66 -22.89 -18.32
C VAL A 49 13.48 -21.96 -18.55
N LYS A 50 13.22 -21.05 -17.62
CA LYS A 50 12.14 -20.08 -17.81
C LYS A 50 12.37 -19.29 -19.08
N LYS A 51 13.61 -18.90 -19.33
CA LYS A 51 13.94 -18.17 -20.55
C LYS A 51 13.66 -18.98 -21.80
N LEU A 52 14.00 -20.26 -21.79
CA LEU A 52 13.74 -21.11 -22.94
C LEU A 52 12.26 -21.32 -23.16
N LEU A 53 11.50 -21.46 -22.08
CA LEU A 53 10.06 -21.61 -22.20
C LEU A 53 9.49 -20.36 -22.81
N ASP A 54 10.05 -19.21 -22.44
CA ASP A 54 9.55 -17.95 -22.95
C ASP A 54 9.89 -17.73 -24.42
N ARG A 55 10.92 -18.40 -24.92
CA ARG A 55 11.24 -18.29 -26.34
C ARG A 55 10.16 -18.96 -27.16
N TYR A 56 9.61 -20.05 -26.65
CA TYR A 56 8.52 -20.70 -27.36
C TYR A 56 7.27 -19.84 -27.26
N TYR A 57 7.11 -19.15 -26.14
CA TYR A 57 5.95 -18.29 -25.98
C TYR A 57 6.07 -17.08 -26.90
N LEU A 58 7.30 -16.62 -27.15
CA LEU A 58 7.49 -15.50 -28.08
C LEU A 58 7.33 -15.93 -29.54
N SER A 59 7.55 -17.20 -29.83
CA SER A 59 7.33 -17.68 -31.19
C SER A 59 5.83 -17.88 -31.37
N PHE A 60 5.12 -18.15 -30.28
CA PHE A 60 3.68 -18.27 -30.37
C PHE A 60 3.19 -16.90 -30.76
N ILE A 61 3.64 -15.87 -30.05
CA ILE A 61 3.28 -14.52 -30.43
C ILE A 61 3.63 -14.24 -31.89
N ASN A 62 4.82 -14.62 -32.32
CA ASN A 62 5.24 -14.40 -33.71
C ASN A 62 4.43 -15.16 -34.73
N ASP A 63 4.76 -16.42 -34.96
CA ASP A 63 4.07 -17.22 -35.99
C ASP A 63 2.56 -17.13 -36.06
N VAL A 64 1.88 -17.38 -34.95
CA VAL A 64 0.42 -17.32 -34.94
C VAL A 64 -0.05 -15.99 -35.50
N LEU A 65 0.46 -14.89 -34.96
CA LEU A 65 0.06 -13.58 -35.44
C LEU A 65 0.48 -13.34 -36.87
N HIS A 66 1.71 -13.68 -37.22
CA HIS A 66 2.20 -13.52 -38.59
C HIS A 66 1.15 -13.99 -39.60
N SER A 67 0.69 -15.22 -39.44
CA SER A 67 -0.32 -15.76 -40.34
C SER A 67 -1.70 -15.12 -40.16
N ILE A 68 -2.22 -15.13 -38.93
CA ILE A 68 -3.54 -14.56 -38.66
C ILE A 68 -3.43 -13.09 -38.34
N LYS A 69 -3.27 -12.25 -39.35
CA LYS A 69 -3.08 -10.82 -39.12
C LYS A 69 -3.87 -9.97 -40.10
N LEU A 70 -5.16 -9.85 -39.85
CA LEU A 70 -5.99 -9.05 -40.73
C LEU A 70 -6.89 -8.17 -39.90
N LYS A 71 -6.60 -8.05 -38.60
CA LYS A 71 -7.44 -7.28 -37.69
C LYS A 71 -8.91 -7.61 -37.90
N ASN A 72 -9.24 -8.90 -37.98
CA ASN A 72 -10.61 -9.37 -38.23
C ASN A 72 -11.81 -8.43 -38.25
N LEU A 73 -12.53 -8.31 -37.14
CA LEU A 73 -13.77 -7.51 -37.09
C LEU A 73 -13.76 -6.15 -37.74
N ASN A 74 -13.25 -5.16 -37.04
CA ASN A 74 -13.15 -3.82 -37.60
C ASN A 74 -12.14 -3.94 -38.70
N ASN A 75 -12.57 -3.88 -39.97
CA ASN A 75 -11.68 -4.05 -41.13
C ASN A 75 -10.21 -4.25 -40.85
N TYR A 76 -9.48 -3.16 -40.65
CA TYR A 76 -8.08 -3.24 -40.28
C TYR A 76 -8.07 -2.16 -39.26
N ILE A 77 -9.08 -2.17 -38.39
CA ILE A 77 -9.26 -1.10 -37.40
C ILE A 77 -9.25 0.18 -38.19
N SER A 78 -10.09 0.21 -39.23
CA SER A 78 -10.12 1.36 -40.11
C SER A 78 -10.98 2.45 -39.51
N LEU A 79 -12.05 2.03 -38.82
CA LEU A 79 -12.94 3.00 -38.21
C LEU A 79 -12.42 3.56 -36.91
N PHE A 80 -11.23 3.12 -36.47
CA PHE A 80 -10.65 3.70 -35.28
C PHE A 80 -10.49 5.19 -35.48
N ARG A 81 -11.17 5.98 -34.65
CA ARG A 81 -11.12 7.44 -34.77
C ARG A 81 -11.30 7.93 -36.19
N LYS A 82 -12.34 7.45 -36.86
CA LYS A 82 -12.62 7.93 -38.19
C LYS A 82 -13.59 9.08 -38.05
N LYS A 83 -14.88 8.78 -37.95
CA LYS A 83 -15.88 9.83 -37.74
C LYS A 83 -16.78 9.38 -36.59
N THR A 84 -17.12 10.30 -35.69
CA THR A 84 -17.93 9.94 -34.54
C THR A 84 -19.19 9.18 -34.91
N ARG A 85 -19.40 8.03 -34.29
CA ARG A 85 -20.56 7.21 -34.61
C ARG A 85 -21.71 7.50 -33.68
N THR A 86 -22.51 6.49 -33.38
CA THR A 86 -23.65 6.66 -32.49
C THR A 86 -23.16 6.98 -31.09
N GLU A 87 -23.22 8.24 -30.70
CA GLU A 87 -22.71 8.65 -29.41
C GLU A 87 -21.25 9.08 -29.57
N LYS A 88 -21.01 10.39 -29.48
CA LYS A 88 -19.65 10.91 -29.69
C LYS A 88 -18.63 10.33 -28.72
N GLU A 89 -17.56 9.77 -29.25
CA GLU A 89 -16.48 9.20 -28.43
C GLU A 89 -16.94 8.25 -27.32
N ASN A 90 -18.22 7.88 -27.32
CA ASN A 90 -18.69 6.91 -26.33
C ASN A 90 -18.63 5.52 -26.95
N LYS A 91 -19.76 5.03 -27.42
CA LYS A 91 -19.76 3.74 -28.11
C LYS A 91 -18.83 3.86 -29.30
N GLU A 92 -18.80 5.04 -29.90
CA GLU A 92 -17.91 5.27 -31.03
C GLU A 92 -16.62 4.52 -30.81
N LEU A 93 -15.97 4.78 -29.67
CA LEU A 93 -14.72 4.10 -29.35
C LEU A 93 -14.97 2.80 -28.62
N GLU A 94 -15.35 2.87 -27.34
CA GLU A 94 -15.57 1.65 -26.54
C GLU A 94 -15.82 0.35 -27.30
N ASN A 95 -16.92 0.24 -28.01
CA ASN A 95 -17.24 -1.01 -28.70
C ASN A 95 -16.19 -1.42 -29.72
N LEU A 96 -15.87 -0.54 -30.66
CA LEU A 96 -14.83 -0.85 -31.63
C LEU A 96 -13.62 -1.42 -30.90
N GLU A 97 -13.18 -0.76 -29.83
CA GLU A 97 -12.01 -1.21 -29.08
C GLU A 97 -12.14 -2.62 -28.49
N ILE A 98 -13.28 -2.91 -27.84
CA ILE A 98 -13.44 -4.22 -27.21
C ILE A 98 -13.51 -5.38 -28.20
N ASN A 99 -14.07 -5.16 -29.39
CA ASN A 99 -14.06 -6.22 -30.40
C ASN A 99 -12.59 -6.35 -30.73
N LEU A 100 -11.83 -5.29 -30.46
CA LEU A 100 -10.40 -5.30 -30.75
C LEU A 100 -9.65 -6.35 -29.92
N ARG A 101 -9.95 -6.45 -28.63
CA ARG A 101 -9.25 -7.39 -27.76
C ARG A 101 -9.59 -8.84 -28.06
N LYS A 102 -10.65 -9.09 -28.82
CA LYS A 102 -10.98 -10.44 -29.21
C LYS A 102 -10.36 -10.75 -30.57
N GLU A 103 -10.14 -9.71 -31.37
CA GLU A 103 -9.47 -9.92 -32.66
C GLU A 103 -8.13 -10.57 -32.38
N ILE A 104 -7.51 -10.19 -31.28
CA ILE A 104 -6.21 -10.76 -30.92
C ILE A 104 -6.39 -12.11 -30.22
N ALA A 105 -7.36 -12.22 -29.32
CA ALA A 105 -7.55 -13.46 -28.56
C ALA A 105 -7.76 -14.65 -29.47
N LYS A 106 -8.72 -14.54 -30.38
CA LYS A 106 -9.02 -15.64 -31.30
C LYS A 106 -7.78 -16.17 -31.99
N ALA A 107 -6.91 -15.27 -32.45
CA ALA A 107 -5.66 -15.69 -33.09
C ALA A 107 -4.98 -16.71 -32.22
N PHE A 108 -4.62 -16.31 -31.00
CA PHE A 108 -4.01 -17.25 -30.07
C PHE A 108 -5.04 -18.29 -29.65
N LYS A 109 -5.58 -18.16 -28.43
CA LYS A 109 -6.61 -19.07 -27.91
C LYS A 109 -6.66 -20.45 -28.56
N GLY A 110 -7.66 -20.68 -29.39
CA GLY A 110 -7.79 -21.97 -30.05
C GLY A 110 -6.83 -22.13 -31.21
N ASN A 111 -5.60 -22.52 -30.93
CA ASN A 111 -4.63 -22.72 -31.99
C ASN A 111 -4.18 -24.17 -32.01
N GLU A 112 -2.92 -24.40 -32.36
CA GLU A 112 -2.37 -25.75 -32.32
C GLU A 112 -1.84 -26.02 -30.94
N GLY A 113 -2.73 -26.23 -29.98
CA GLY A 113 -2.30 -26.55 -28.63
C GLY A 113 -1.97 -25.38 -27.75
N TYR A 114 -2.99 -24.66 -27.28
CA TYR A 114 -2.73 -23.58 -26.34
C TYR A 114 -2.35 -24.30 -25.08
N LYS A 115 -3.12 -25.32 -24.73
CA LYS A 115 -2.85 -26.08 -23.51
C LYS A 115 -1.71 -27.07 -23.68
N SER A 116 -1.19 -27.18 -24.89
CA SER A 116 -0.03 -28.04 -25.10
C SER A 116 1.20 -27.19 -24.87
N LEU A 117 1.03 -25.87 -24.90
CA LEU A 117 2.15 -24.98 -24.65
C LEU A 117 2.08 -24.43 -23.24
N PHE A 118 0.91 -24.46 -22.63
CA PHE A 118 0.78 -23.86 -21.31
C PHE A 118 0.63 -24.84 -20.17
N LYS A 119 0.94 -26.10 -20.41
CA LYS A 119 0.88 -27.09 -19.35
C LYS A 119 2.17 -27.89 -19.34
N LYS A 120 2.19 -28.97 -18.58
CA LYS A 120 3.40 -29.80 -18.45
C LYS A 120 4.04 -30.22 -19.76
N ASP A 121 3.21 -30.57 -20.74
CA ASP A 121 3.72 -31.05 -22.04
C ASP A 121 4.83 -30.26 -22.71
N ILE A 122 4.88 -28.94 -22.53
CA ILE A 122 5.89 -28.15 -23.22
C ILE A 122 7.31 -28.62 -22.93
N ILE A 123 7.76 -28.54 -21.68
CA ILE A 123 9.14 -28.90 -21.34
C ILE A 123 9.42 -30.38 -21.53
N GLU A 124 8.39 -31.18 -21.68
CA GLU A 124 8.57 -32.61 -21.83
C GLU A 124 8.87 -32.96 -23.27
N THR A 125 8.17 -32.34 -24.21
CA THR A 125 8.34 -32.71 -25.60
C THR A 125 8.42 -31.54 -26.55
N ILE A 126 7.43 -30.65 -26.50
CA ILE A 126 7.40 -29.55 -27.44
C ILE A 126 8.60 -28.63 -27.38
N LEU A 127 8.98 -28.21 -26.17
CA LEU A 127 10.17 -27.38 -26.01
C LEU A 127 11.47 -28.08 -26.45
N PRO A 128 11.68 -29.36 -26.08
CA PRO A 128 12.88 -30.00 -26.62
C PRO A 128 12.91 -29.95 -28.15
N GLU A 129 11.78 -30.20 -28.79
CA GLU A 129 11.71 -30.14 -30.24
C GLU A 129 11.92 -28.72 -30.77
N PHE A 130 11.44 -27.73 -30.02
CA PHE A 130 11.63 -26.34 -30.41
C PHE A 130 13.11 -25.97 -30.39
N LEU A 131 13.83 -26.48 -29.39
CA LEU A 131 15.26 -26.23 -29.33
C LEU A 131 16.03 -27.25 -30.14
N ASP A 132 17.35 -27.24 -30.02
CA ASP A 132 18.16 -28.19 -30.75
C ASP A 132 19.50 -28.32 -30.05
N ASP A 133 19.87 -27.31 -29.29
CA ASP A 133 21.12 -27.36 -28.57
C ASP A 133 21.05 -28.43 -27.51
N LYS A 134 21.94 -29.42 -27.60
CA LYS A 134 21.95 -30.51 -26.64
C LYS A 134 21.91 -30.02 -25.20
N ASP A 135 22.76 -29.04 -24.87
CA ASP A 135 22.80 -28.52 -23.51
C ASP A 135 21.44 -28.01 -23.08
N GLU A 136 20.85 -27.16 -23.91
CA GLU A 136 19.55 -26.59 -23.59
C GLU A 136 18.43 -27.64 -23.53
N ILE A 137 18.43 -28.60 -24.45
CA ILE A 137 17.42 -29.65 -24.45
C ILE A 137 17.52 -30.48 -23.18
N ALA A 138 18.75 -30.85 -22.81
CA ALA A 138 18.96 -31.63 -21.60
C ALA A 138 18.54 -30.86 -20.37
N LEU A 139 18.81 -29.56 -20.34
CA LEU A 139 18.41 -28.73 -19.21
C LEU A 139 16.90 -28.70 -19.10
N VAL A 140 16.23 -28.67 -20.23
CA VAL A 140 14.79 -28.61 -20.25
C VAL A 140 14.19 -29.95 -19.83
N ASN A 141 14.86 -31.05 -20.19
CA ASN A 141 14.38 -32.37 -19.80
C ASN A 141 14.83 -32.74 -18.41
N SER A 142 15.76 -31.97 -17.84
CA SER A 142 16.16 -32.20 -16.46
C SER A 142 15.12 -31.53 -15.62
N PHE A 143 14.38 -30.62 -16.22
CA PHE A 143 13.31 -29.96 -15.51
C PHE A 143 12.00 -30.53 -16.00
N ASN A 144 11.88 -31.85 -16.00
CA ASN A 144 10.66 -32.48 -16.45
C ASN A 144 9.70 -32.77 -15.31
N GLY A 145 9.14 -33.97 -15.29
CA GLY A 145 8.21 -34.32 -14.23
C GLY A 145 8.18 -33.15 -13.28
N PHE A 146 9.14 -32.25 -13.42
CA PHE A 146 9.23 -31.11 -12.51
C PHE A 146 8.67 -29.84 -13.14
N THR A 147 7.42 -29.86 -13.57
CA THR A 147 6.80 -28.67 -14.14
C THR A 147 5.85 -28.14 -13.07
N THR A 148 5.61 -28.93 -12.03
CA THR A 148 4.79 -28.45 -10.93
C THR A 148 5.54 -27.26 -10.34
N ALA A 149 6.72 -26.97 -10.88
CA ALA A 149 7.52 -25.87 -10.39
C ALA A 149 7.26 -24.66 -11.24
N PHE A 150 7.05 -24.89 -12.54
CA PHE A 150 6.78 -23.79 -13.45
C PHE A 150 5.30 -23.43 -13.50
N THR A 151 4.49 -24.07 -12.66
CA THR A 151 3.04 -23.82 -12.65
C THR A 151 2.65 -22.35 -12.53
N GLY A 152 3.25 -21.64 -11.59
CA GLY A 152 2.94 -20.23 -11.41
C GLY A 152 3.36 -19.45 -12.64
N PHE A 153 4.56 -19.73 -13.13
CA PHE A 153 5.04 -19.06 -14.33
C PHE A 153 4.10 -19.30 -15.50
N PHE A 154 3.62 -20.54 -15.66
CA PHE A 154 2.70 -20.87 -16.74
C PHE A 154 1.48 -19.99 -16.65
N ASP A 155 0.82 -20.03 -15.50
CA ASP A 155 -0.42 -19.26 -15.34
C ASP A 155 -0.22 -17.79 -15.56
N ASN A 156 0.84 -17.23 -15.01
CA ASN A 156 1.13 -15.83 -15.23
C ASN A 156 1.22 -15.58 -16.72
N ARG A 157 2.14 -16.25 -17.40
CA ARG A 157 2.34 -16.05 -18.83
C ARG A 157 1.22 -16.52 -19.77
N GLU A 158 0.08 -16.93 -19.23
CA GLU A 158 -1.02 -17.43 -20.04
C GLU A 158 -2.25 -16.59 -19.79
N ASN A 159 -2.51 -16.32 -18.52
CA ASN A 159 -3.71 -15.57 -18.17
C ASN A 159 -3.50 -14.07 -18.28
N MET A 160 -2.29 -13.64 -18.60
CA MET A 160 -2.06 -12.22 -18.80
C MET A 160 -2.55 -11.81 -20.19
N PHE A 161 -2.60 -12.75 -21.12
CA PHE A 161 -3.12 -12.44 -22.45
C PHE A 161 -4.35 -13.25 -22.85
N SER A 162 -5.50 -12.58 -22.88
CA SER A 162 -6.75 -13.25 -23.25
C SER A 162 -7.60 -12.27 -24.04
N GLU A 163 -8.90 -12.26 -23.77
CA GLU A 163 -9.81 -11.37 -24.50
C GLU A 163 -9.99 -10.06 -23.78
N GLU A 164 -9.03 -9.71 -22.94
CA GLU A 164 -9.10 -8.44 -22.23
C GLU A 164 -8.03 -7.54 -22.78
N ALA A 165 -8.09 -6.26 -22.45
CA ALA A 165 -7.05 -5.36 -22.86
C ALA A 165 -6.37 -4.96 -21.59
N LYS A 166 -5.87 -3.73 -21.52
CA LYS A 166 -5.24 -3.23 -20.31
C LYS A 166 -4.31 -4.22 -19.63
N SER A 167 -4.41 -4.33 -18.31
CA SER A 167 -3.56 -5.26 -17.54
C SER A 167 -2.15 -5.34 -18.09
N THR A 168 -1.78 -6.51 -18.61
CA THR A 168 -0.47 -6.67 -19.24
C THR A 168 -0.70 -7.64 -20.37
N SER A 169 -1.38 -7.20 -21.42
CA SER A 169 -1.71 -8.09 -22.51
C SER A 169 -1.12 -7.67 -23.83
N ILE A 170 -1.43 -8.39 -24.89
CA ILE A 170 -0.97 -8.01 -26.21
C ILE A 170 -1.85 -6.88 -26.68
N ALA A 171 -3.15 -6.99 -26.43
CA ALA A 171 -4.09 -5.94 -26.80
C ALA A 171 -3.63 -4.60 -26.26
N PHE A 172 -3.31 -4.53 -24.97
CA PHE A 172 -2.79 -3.32 -24.38
C PHE A 172 -1.80 -2.69 -25.32
N ARG A 173 -0.56 -3.14 -25.27
CA ARG A 173 0.44 -2.65 -26.20
C ARG A 173 0.24 -3.43 -27.48
N CYS A 174 -1.01 -3.70 -27.83
CA CYS A 174 -1.30 -4.43 -29.06
C CYS A 174 -2.31 -3.64 -29.87
N ILE A 175 -3.35 -3.15 -29.21
CA ILE A 175 -4.38 -2.38 -29.90
C ILE A 175 -4.70 -1.10 -29.15
N ASN A 176 -4.40 -1.05 -27.86
CA ASN A 176 -4.76 0.11 -27.06
C ASN A 176 -3.73 1.21 -27.20
N GLU A 177 -2.63 1.11 -26.46
CA GLU A 177 -1.58 2.11 -26.51
C GLU A 177 -0.66 1.91 -27.70
N ASN A 178 -1.01 0.98 -28.58
CA ASN A 178 -0.23 0.77 -29.77
C ASN A 178 -0.83 1.60 -30.86
N LEU A 179 -2.15 1.64 -30.92
CA LEU A 179 -2.83 2.36 -31.99
C LEU A 179 -2.71 3.85 -31.81
N THR A 180 -2.43 4.28 -30.59
CA THR A 180 -2.22 5.71 -30.36
C THR A 180 -0.99 6.14 -31.14
N ARG A 181 0.07 5.32 -31.11
CA ARG A 181 1.28 5.64 -31.87
C ARG A 181 1.12 5.24 -33.32
N TYR A 182 0.17 4.37 -33.61
CA TYR A 182 -0.10 3.95 -34.97
C TYR A 182 -1.16 4.86 -35.56
N ILE A 183 -2.16 4.29 -36.21
CA ILE A 183 -3.30 5.06 -36.78
C ILE A 183 -2.97 6.02 -37.93
N SER A 184 -2.08 6.98 -37.74
CA SER A 184 -1.69 7.85 -38.84
C SER A 184 -0.73 7.04 -39.69
N ASN A 185 -1.24 6.28 -40.65
CA ASN A 185 -0.37 5.38 -41.41
C ASN A 185 -0.74 5.06 -42.83
N MET A 186 -1.96 4.63 -43.08
CA MET A 186 -2.35 4.17 -44.41
C MET A 186 -3.41 5.02 -45.13
N ASP A 187 -3.49 6.33 -44.86
CA ASP A 187 -4.46 7.11 -45.62
C ASP A 187 -4.01 8.50 -46.03
N ILE A 188 -4.28 9.50 -45.20
CA ILE A 188 -3.90 10.87 -45.53
C ILE A 188 -2.52 11.24 -45.01
N PHE A 189 -1.49 10.52 -45.46
CA PHE A 189 -0.12 10.84 -45.08
C PHE A 189 -0.06 12.35 -44.87
N GLU A 190 -0.23 13.12 -45.94
CA GLU A 190 -0.29 14.59 -45.83
C GLU A 190 0.73 15.32 -44.98
N LYS A 191 0.33 15.81 -43.81
CA LYS A 191 1.23 16.61 -42.96
C LYS A 191 2.62 16.04 -42.79
N VAL A 192 2.72 14.74 -42.53
CA VAL A 192 4.03 14.12 -42.31
C VAL A 192 4.93 14.06 -43.55
N ASP A 193 4.38 14.26 -44.75
CA ASP A 193 5.20 14.28 -45.96
C ASP A 193 5.90 15.59 -46.22
N ALA A 194 6.30 16.30 -45.17
CA ALA A 194 7.04 17.54 -45.34
C ALA A 194 8.29 17.23 -46.12
N ILE A 195 8.96 16.15 -45.76
CA ILE A 195 10.12 15.71 -46.52
C ILE A 195 9.67 14.49 -47.33
N PHE A 196 10.08 13.29 -46.92
CA PHE A 196 9.62 12.05 -47.57
C PHE A 196 9.81 12.07 -49.08
N ASP A 197 11.06 12.13 -49.54
CA ASP A 197 11.31 12.26 -50.98
C ASP A 197 11.96 11.07 -51.65
N LYS A 198 12.67 11.32 -52.74
CA LYS A 198 13.32 10.23 -53.46
C LYS A 198 14.58 9.77 -52.74
N HIS A 199 15.27 10.71 -52.09
CA HIS A 199 16.46 10.35 -51.34
C HIS A 199 16.06 9.84 -49.97
N GLU A 200 14.81 10.08 -49.58
CA GLU A 200 14.35 9.67 -48.28
C GLU A 200 13.46 8.47 -48.40
N VAL A 201 12.17 8.71 -48.66
CA VAL A 201 11.22 7.62 -48.73
C VAL A 201 11.58 6.49 -49.69
N GLN A 202 12.11 6.82 -50.88
CA GLN A 202 12.40 5.78 -51.85
C GLN A 202 13.59 4.94 -51.44
N GLU A 203 14.57 5.57 -50.80
CA GLU A 203 15.73 4.84 -50.34
C GLU A 203 15.32 3.80 -49.31
N ILE A 204 14.44 4.18 -48.39
CA ILE A 204 14.07 3.24 -47.36
C ILE A 204 13.03 2.24 -47.85
N LYS A 205 12.32 2.58 -48.92
CA LYS A 205 11.31 1.68 -49.45
C LYS A 205 11.97 0.50 -50.15
N GLU A 206 13.20 0.69 -50.61
CA GLU A 206 13.92 -0.43 -51.20
C GLU A 206 14.61 -1.21 -50.09
N LYS A 207 14.93 -0.55 -48.99
CA LYS A 207 15.65 -1.22 -47.91
C LYS A 207 14.78 -2.16 -47.10
N ILE A 208 13.53 -1.76 -46.87
CA ILE A 208 12.64 -2.58 -46.06
C ILE A 208 12.21 -3.84 -46.80
N LEU A 209 11.60 -4.76 -46.08
CA LEU A 209 11.11 -5.98 -46.72
C LEU A 209 10.17 -5.55 -47.82
N ASN A 210 10.33 -6.12 -49.01
CA ASN A 210 9.53 -5.67 -50.14
C ASN A 210 8.12 -6.25 -50.17
N SER A 211 7.64 -6.77 -49.05
CA SER A 211 6.25 -7.21 -48.98
C SER A 211 5.58 -5.87 -48.94
N ASP A 212 6.12 -4.96 -48.14
CA ASP A 212 5.61 -3.61 -48.13
C ASP A 212 6.56 -2.92 -49.08
N TYR A 213 6.34 -3.11 -50.38
CA TYR A 213 7.22 -2.53 -51.38
C TYR A 213 7.35 -1.03 -51.23
N ASP A 214 6.21 -0.33 -51.19
CA ASP A 214 6.23 1.10 -50.99
C ASP A 214 6.16 1.38 -49.50
N VAL A 215 6.06 2.64 -49.12
CA VAL A 215 5.93 2.94 -47.71
C VAL A 215 4.51 2.62 -47.26
N GLU A 216 3.51 2.97 -48.06
CA GLU A 216 2.09 2.74 -47.71
C GLU A 216 1.82 2.86 -46.22
N ASP A 217 1.74 1.72 -45.55
CA ASP A 217 1.48 1.73 -44.11
C ASP A 217 2.70 2.17 -43.35
N PHE A 218 2.91 3.47 -43.24
CA PHE A 218 4.04 3.98 -42.47
C PHE A 218 3.72 5.35 -41.87
N PHE A 219 3.28 6.29 -42.71
CA PHE A 219 3.07 7.64 -42.21
C PHE A 219 1.64 8.12 -42.38
N GLU A 220 1.38 8.85 -43.45
CA GLU A 220 0.02 9.32 -43.74
C GLU A 220 -0.93 9.55 -42.57
N GLY A 221 -2.19 9.13 -42.71
CA GLY A 221 -3.16 9.40 -41.66
C GLY A 221 -4.30 8.42 -41.50
N GLU A 222 -5.41 8.85 -40.89
CA GLU A 222 -6.60 8.01 -40.68
C GLU A 222 -6.45 6.58 -40.17
N PHE A 223 -6.28 5.59 -41.05
CA PHE A 223 -6.24 4.20 -40.60
C PHE A 223 -4.90 3.50 -40.78
N PHE A 224 -4.77 2.29 -40.23
CA PHE A 224 -3.53 1.53 -40.37
C PHE A 224 -3.79 0.14 -40.95
N ASN A 225 -2.73 -0.65 -41.18
CA ASN A 225 -2.91 -1.95 -41.81
C ASN A 225 -1.93 -3.04 -41.40
N PHE A 226 -0.86 -2.70 -40.67
CA PHE A 226 0.15 -3.74 -40.39
C PHE A 226 0.60 -4.01 -38.96
N VAL A 227 1.60 -4.90 -38.80
CA VAL A 227 2.15 -5.27 -37.47
C VAL A 227 1.25 -5.94 -36.44
N LEU A 228 0.19 -5.28 -35.99
CA LEU A 228 -0.68 -5.81 -34.95
C LEU A 228 0.16 -6.19 -33.75
N THR A 229 0.14 -7.46 -33.38
CA THR A 229 0.97 -7.89 -32.29
C THR A 229 2.30 -8.35 -32.86
N GLN A 230 2.26 -9.18 -33.89
CA GLN A 230 3.51 -9.60 -34.50
C GLN A 230 3.55 -9.74 -36.01
N GLU A 231 4.48 -9.04 -36.64
CA GLU A 231 4.71 -9.14 -38.07
C GLU A 231 6.11 -8.65 -37.96
N GLY A 232 6.48 -8.27 -36.76
CA GLY A 232 7.78 -7.69 -36.54
C GLY A 232 7.33 -6.31 -36.16
N ILE A 233 7.32 -6.01 -34.87
CA ILE A 233 6.98 -4.66 -34.43
C ILE A 233 8.05 -3.75 -34.99
N ASP A 234 9.28 -4.26 -35.09
CA ASP A 234 10.38 -3.49 -35.66
C ASP A 234 10.11 -3.03 -37.08
N VAL A 235 9.25 -3.73 -37.81
CA VAL A 235 8.90 -3.33 -39.16
C VAL A 235 8.30 -1.91 -39.16
N TYR A 236 7.35 -1.64 -38.27
CA TYR A 236 6.81 -0.29 -38.18
C TYR A 236 7.89 0.69 -37.74
N ASN A 237 8.74 0.28 -36.82
CA ASN A 237 9.77 1.16 -36.29
C ASN A 237 11.02 1.21 -37.16
N ALA A 238 10.90 0.79 -38.40
CA ALA A 238 12.06 0.78 -39.28
C ALA A 238 12.35 2.19 -39.71
N ILE A 239 11.30 2.96 -39.93
CA ILE A 239 11.48 4.36 -40.32
C ILE A 239 11.02 5.20 -39.16
N ILE A 240 10.01 4.71 -38.43
CA ILE A 240 9.48 5.45 -37.30
C ILE A 240 10.46 5.49 -36.12
N GLY A 241 11.30 4.47 -36.00
CA GLY A 241 12.28 4.45 -34.93
C GLY A 241 13.69 4.48 -35.47
N GLY A 242 13.86 4.07 -36.72
CA GLY A 242 15.18 4.09 -37.33
C GLY A 242 15.86 2.74 -37.32
N PHE A 243 16.24 2.25 -38.50
CA PHE A 243 16.97 0.98 -38.55
C PHE A 243 18.21 1.11 -39.42
N VAL A 244 19.30 1.58 -38.82
CA VAL A 244 20.55 1.74 -39.55
C VAL A 244 21.03 0.43 -40.17
N THR A 245 21.13 0.39 -41.49
CA THR A 245 21.57 -0.83 -42.17
C THR A 245 22.92 -1.28 -41.65
N GLU A 246 23.07 -2.59 -41.44
CA GLU A 246 24.34 -3.14 -40.96
C GLU A 246 25.51 -2.73 -41.83
N SER A 247 25.31 -2.73 -43.15
CA SER A 247 26.37 -2.32 -44.07
C SER A 247 26.93 -0.96 -43.70
N GLY A 248 26.06 0.01 -43.44
CA GLY A 248 26.52 1.33 -43.05
C GLY A 248 25.56 2.39 -43.51
N GLU A 249 24.68 2.03 -44.45
CA GLU A 249 23.71 2.99 -44.95
C GLU A 249 22.84 3.48 -43.81
N LYS A 250 22.76 4.80 -43.63
CA LYS A 250 21.99 5.34 -42.52
C LYS A 250 20.51 5.44 -42.85
N ILE A 251 19.75 4.40 -42.55
CA ILE A 251 18.31 4.46 -42.77
C ILE A 251 17.70 5.05 -41.51
N LYS A 252 17.06 6.21 -41.65
CA LYS A 252 16.50 6.88 -40.49
C LYS A 252 15.00 6.77 -40.40
N GLY A 253 14.48 5.54 -40.34
CA GLY A 253 13.04 5.33 -40.19
C GLY A 253 12.17 6.22 -41.03
N LEU A 254 11.20 6.88 -40.40
CA LEU A 254 10.32 7.80 -41.11
C LEU A 254 10.03 8.96 -40.18
N ASN A 255 10.12 8.72 -38.88
CA ASN A 255 9.93 9.79 -37.92
C ASN A 255 11.32 10.20 -37.61
N GLU A 256 12.18 9.22 -37.41
CA GLU A 256 13.58 9.56 -37.20
C GLU A 256 13.98 10.39 -38.39
N TYR A 257 13.06 10.55 -39.33
CA TYR A 257 13.34 11.39 -40.48
C TYR A 257 12.81 12.77 -40.22
N ILE A 258 11.60 12.89 -39.70
CA ILE A 258 11.03 14.22 -39.50
C ILE A 258 12.05 15.11 -38.81
N ASN A 259 12.47 14.71 -37.62
CA ASN A 259 13.45 15.50 -36.88
C ASN A 259 14.13 16.47 -37.81
N LEU A 260 14.10 16.20 -39.11
CA LEU A 260 14.67 17.13 -40.09
C LEU A 260 13.61 18.17 -40.40
N TYR A 261 12.41 18.01 -39.84
CA TYR A 261 11.38 19.00 -40.03
C TYR A 261 10.73 19.23 -38.67
N ASN A 262 10.42 18.14 -37.96
CA ASN A 262 9.81 18.23 -36.63
C ASN A 262 10.55 19.21 -35.74
N GLN A 263 11.87 19.19 -35.77
CA GLN A 263 12.65 20.04 -34.91
C GLN A 263 13.56 20.98 -35.69
N LYS A 264 14.05 20.53 -36.85
CA LYS A 264 14.96 21.35 -37.63
C LYS A 264 14.25 22.52 -38.27
N THR A 265 13.16 22.25 -38.98
CA THR A 265 12.37 23.35 -39.53
C THR A 265 11.30 23.71 -38.51
N LYS A 266 11.27 23.01 -37.38
CA LYS A 266 10.33 23.29 -36.27
C LYS A 266 8.82 23.10 -36.43
N GLN A 267 8.28 22.13 -35.69
CA GLN A 267 6.84 21.87 -35.71
C GLN A 267 6.51 20.74 -34.76
N LYS A 268 5.64 19.84 -35.20
CA LYS A 268 5.23 18.72 -34.36
C LYS A 268 5.04 17.49 -35.23
N LEU A 269 5.27 17.63 -36.54
CA LEU A 269 5.10 16.54 -37.50
C LEU A 269 4.26 15.35 -37.06
N PRO A 270 2.93 15.45 -37.18
CA PRO A 270 2.00 14.41 -36.74
C PRO A 270 2.48 13.19 -35.94
N LYS A 271 3.05 13.38 -34.76
CA LYS A 271 3.44 12.27 -33.89
C LYS A 271 4.34 11.18 -34.49
N PHE A 272 3.76 10.09 -35.00
CA PHE A 272 4.54 8.95 -35.53
C PHE A 272 5.47 8.40 -34.47
N LYS A 273 4.91 7.78 -33.44
CA LYS A 273 5.72 7.29 -32.34
C LYS A 273 6.07 5.81 -32.43
N PRO A 274 7.25 5.42 -31.90
CA PRO A 274 7.67 4.02 -31.94
C PRO A 274 6.72 3.03 -31.29
N LEU A 275 6.25 2.06 -32.06
CA LEU A 275 5.30 1.08 -31.55
C LEU A 275 5.71 0.33 -30.29
N TYR A 276 4.77 0.20 -29.35
CA TYR A 276 5.05 -0.55 -28.13
C TYR A 276 4.91 -2.05 -28.39
N LYS A 277 5.58 -2.86 -27.57
CA LYS A 277 5.48 -4.31 -27.73
C LYS A 277 5.22 -5.00 -26.41
N GLN A 278 5.46 -6.31 -26.36
CA GLN A 278 5.18 -7.09 -25.15
C GLN A 278 6.14 -6.77 -24.00
N VAL A 279 5.60 -6.55 -22.79
CA VAL A 279 6.45 -6.17 -21.64
C VAL A 279 7.52 -7.20 -21.34
N LEU A 280 8.72 -6.73 -20.98
CA LEU A 280 9.86 -7.63 -20.71
C LEU A 280 10.01 -8.61 -21.85
N SER A 281 9.88 -9.90 -21.57
CA SER A 281 9.95 -10.88 -22.63
C SER A 281 8.60 -10.97 -23.29
N ASP A 282 7.65 -11.62 -22.61
CA ASP A 282 6.31 -11.74 -23.16
C ASP A 282 5.27 -11.17 -22.23
N ARG A 283 4.82 -9.95 -22.48
CA ARG A 283 3.82 -9.26 -21.66
C ARG A 283 3.88 -9.45 -20.15
N GLU A 284 5.08 -9.49 -19.56
CA GLU A 284 5.23 -9.74 -18.12
C GLU A 284 4.67 -8.69 -17.18
N SER A 285 5.51 -7.76 -16.75
CA SER A 285 5.08 -6.75 -15.78
C SER A 285 5.89 -5.48 -15.93
N LEU A 286 7.16 -5.54 -15.58
CA LEU A 286 8.03 -4.38 -15.71
C LEU A 286 9.09 -4.70 -16.73
N SER A 287 9.35 -3.76 -17.64
CA SER A 287 10.36 -3.97 -18.66
C SER A 287 11.77 -3.73 -18.12
N PHE A 288 11.88 -3.15 -16.93
CA PHE A 288 13.18 -2.93 -16.34
C PHE A 288 13.49 -3.97 -15.27
N TYR A 289 12.62 -4.96 -15.12
CA TYR A 289 12.84 -6.00 -14.14
C TYR A 289 14.17 -6.72 -14.32
N GLY A 290 15.06 -6.58 -13.34
CA GLY A 290 16.34 -7.23 -13.40
C GLY A 290 16.67 -7.79 -12.03
N GLU A 291 17.64 -8.69 -11.97
CA GLU A 291 18.03 -9.28 -10.68
C GLU A 291 19.33 -8.70 -10.17
N GLY A 292 20.35 -9.55 -10.03
CA GLY A 292 21.65 -9.07 -9.57
C GLY A 292 21.63 -8.48 -8.18
N TYR A 293 22.43 -7.45 -7.96
CA TYR A 293 22.51 -6.80 -6.64
C TYR A 293 22.62 -7.79 -5.51
N THR A 294 23.70 -8.57 -5.51
CA THR A 294 23.92 -9.55 -4.46
C THR A 294 25.18 -9.22 -3.72
N SER A 295 26.06 -8.46 -4.36
CA SER A 295 27.32 -8.07 -3.73
C SER A 295 27.37 -6.56 -3.60
N ASP A 296 28.28 -6.06 -2.78
CA ASP A 296 28.40 -4.63 -2.57
C ASP A 296 28.83 -3.95 -3.85
N GLU A 297 29.67 -4.61 -4.63
CA GLU A 297 30.11 -4.04 -5.90
C GLU A 297 29.41 -4.66 -7.09
N GLU A 298 28.32 -5.39 -6.86
CA GLU A 298 27.56 -5.91 -7.98
C GLU A 298 26.95 -4.71 -8.64
N VAL A 299 27.53 -4.23 -9.74
CA VAL A 299 27.05 -3.02 -10.46
C VAL A 299 27.25 -1.72 -9.67
N LEU A 300 28.05 -0.81 -10.21
CA LEU A 300 28.21 0.48 -9.53
C LEU A 300 27.10 1.43 -9.94
N GLU A 301 25.83 1.03 -9.74
CA GLU A 301 24.65 1.84 -10.07
C GLU A 301 24.42 2.25 -11.52
N VAL A 302 23.42 1.65 -12.18
CA VAL A 302 23.06 2.08 -13.53
C VAL A 302 22.27 3.37 -13.35
N PHE A 303 22.96 4.50 -13.28
CA PHE A 303 22.27 5.75 -12.99
C PHE A 303 22.97 6.88 -13.69
N ARG A 304 24.27 6.73 -13.91
CA ARG A 304 25.04 7.73 -14.61
C ARG A 304 26.27 6.93 -14.93
N ASN A 305 26.54 5.94 -14.10
CA ASN A 305 27.68 5.07 -14.33
C ASN A 305 27.16 3.89 -15.09
N THR A 306 26.49 2.98 -14.39
CA THR A 306 25.95 1.80 -15.03
C THR A 306 24.46 1.96 -15.31
N LEU A 307 24.00 3.20 -15.45
CA LEU A 307 22.61 3.47 -15.81
C LEU A 307 22.57 4.84 -16.48
N ASN A 308 23.29 4.99 -17.58
CA ASN A 308 23.37 6.29 -18.25
C ASN A 308 22.09 6.67 -18.97
N LYS A 309 21.20 5.71 -19.19
CA LYS A 309 19.92 6.01 -19.79
C LYS A 309 19.18 6.99 -18.91
N ASN A 310 19.11 6.70 -17.62
CA ASN A 310 18.45 7.62 -16.69
C ASN A 310 19.05 9.01 -16.78
N SER A 311 20.35 9.15 -16.59
CA SER A 311 20.94 10.48 -16.59
C SER A 311 20.61 11.24 -17.87
N GLU A 312 20.63 10.55 -19.00
CA GLU A 312 20.32 11.18 -20.27
C GLU A 312 18.93 11.81 -20.28
N ILE A 313 17.93 11.10 -19.79
CA ILE A 313 16.58 11.64 -19.90
C ILE A 313 16.14 12.65 -18.85
N PHE A 314 16.90 12.85 -17.79
CA PHE A 314 16.51 13.89 -16.85
C PHE A 314 16.78 15.13 -17.66
N SER A 315 17.91 15.15 -18.36
CA SER A 315 18.24 16.28 -19.21
C SER A 315 17.20 16.50 -20.29
N SER A 316 16.69 15.42 -20.88
CA SER A 316 15.71 15.54 -21.94
C SER A 316 14.41 16.15 -21.45
N ILE A 317 13.87 15.62 -20.34
CA ILE A 317 12.66 16.18 -19.79
C ILE A 317 12.89 17.63 -19.37
N LYS A 318 14.07 17.92 -18.82
CA LYS A 318 14.39 19.30 -18.49
C LYS A 318 14.31 20.22 -19.71
N LYS A 319 14.86 19.80 -20.84
CA LYS A 319 14.77 20.61 -22.06
C LYS A 319 13.34 20.74 -22.56
N LEU A 320 12.53 19.70 -22.39
CA LEU A 320 11.16 19.73 -22.86
C LEU A 320 10.33 20.69 -22.05
N GLU A 321 10.63 20.81 -20.76
CA GLU A 321 9.88 21.70 -19.89
C GLU A 321 10.48 23.08 -19.98
N LYS A 322 11.65 23.20 -20.60
CA LYS A 322 12.23 24.53 -20.81
C LYS A 322 11.70 25.02 -22.15
N LEU A 323 10.98 24.16 -22.85
CA LEU A 323 10.39 24.53 -24.11
C LEU A 323 8.93 24.83 -23.88
N PHE A 324 8.48 24.73 -22.63
CA PHE A 324 7.09 25.05 -22.29
C PHE A 324 6.67 26.43 -22.77
N LYS A 325 7.60 27.38 -22.79
CA LYS A 325 7.29 28.74 -23.21
C LYS A 325 6.95 28.84 -24.68
N ASN A 326 7.63 28.07 -25.53
CA ASN A 326 7.27 28.07 -26.94
C ASN A 326 6.17 27.07 -27.20
N PHE A 327 5.82 26.29 -26.18
CA PHE A 327 4.70 25.38 -26.34
C PHE A 327 3.46 26.17 -26.00
N ASP A 328 3.62 27.39 -25.50
CA ASP A 328 2.46 28.23 -25.27
C ASP A 328 2.05 28.73 -26.63
N GLU A 329 3.04 29.05 -27.48
CA GLU A 329 2.74 29.47 -28.84
C GLU A 329 2.27 28.26 -29.63
N TYR A 330 2.77 27.08 -29.29
CA TYR A 330 2.30 25.87 -29.96
C TYR A 330 0.88 25.56 -29.50
N SER A 331 0.74 25.02 -28.29
CA SER A 331 -0.59 24.73 -27.74
C SER A 331 -0.50 24.58 -26.23
N SER A 332 -0.61 25.68 -25.50
CA SER A 332 -0.58 25.62 -24.04
C SER A 332 -1.74 24.79 -23.53
N ALA A 333 -2.91 24.95 -24.14
CA ALA A 333 -4.06 24.15 -23.76
C ALA A 333 -3.76 22.69 -23.96
N GLY A 334 -3.03 22.37 -25.02
CA GLY A 334 -2.68 20.99 -25.30
C GLY A 334 -1.94 20.23 -24.21
N ILE A 335 -1.17 20.91 -23.38
CA ILE A 335 -0.52 20.24 -22.27
C ILE A 335 -1.52 20.13 -21.13
N PHE A 336 -1.72 18.94 -20.61
CA PHE A 336 -2.71 18.74 -19.55
C PHE A 336 -2.04 18.44 -18.21
N VAL A 337 -2.83 18.33 -17.15
CA VAL A 337 -2.30 18.06 -15.81
C VAL A 337 -3.27 17.24 -15.01
N LYS A 338 -2.93 15.98 -14.76
CA LYS A 338 -3.83 15.08 -14.07
C LYS A 338 -4.39 15.59 -12.76
N ASN A 339 -5.71 15.65 -12.68
CA ASN A 339 -6.34 16.07 -11.44
C ASN A 339 -6.27 14.91 -10.46
N GLY A 340 -5.81 15.17 -9.25
CA GLY A 340 -5.77 14.13 -8.25
C GLY A 340 -5.00 14.59 -7.04
N PRO A 341 -4.20 13.69 -6.46
CA PRO A 341 -3.38 14.06 -5.31
C PRO A 341 -2.35 15.12 -5.70
N ALA A 342 -1.86 15.05 -6.92
CA ALA A 342 -0.87 16.00 -7.39
C ALA A 342 -1.45 17.39 -7.54
N ILE A 343 -2.75 17.50 -7.80
CA ILE A 343 -3.36 18.81 -8.05
C ILE A 343 -3.24 19.78 -6.86
N SER A 344 -3.26 19.26 -5.63
CA SER A 344 -3.14 20.11 -4.45
C SER A 344 -1.73 20.63 -4.34
N THR A 345 -0.76 19.79 -4.63
CA THR A 345 0.62 20.21 -4.60
C THR A 345 0.85 21.19 -5.71
N ILE A 346 0.27 20.93 -6.87
CA ILE A 346 0.41 21.83 -8.01
C ILE A 346 -0.09 23.20 -7.60
N SER A 347 -1.26 23.25 -6.97
CA SER A 347 -1.79 24.52 -6.50
C SER A 347 -0.79 25.27 -5.65
N LYS A 348 -0.29 24.61 -4.62
CA LYS A 348 0.68 25.24 -3.72
C LYS A 348 1.92 25.71 -4.44
N ASP A 349 2.47 24.87 -5.30
CA ASP A 349 3.69 25.23 -6.03
C ASP A 349 3.48 26.42 -6.92
N ILE A 350 2.41 26.41 -7.70
CA ILE A 350 2.18 27.49 -8.63
C ILE A 350 1.55 28.70 -7.97
N PHE A 351 0.30 28.59 -7.60
CA PHE A 351 -0.40 29.74 -7.02
C PHE A 351 0.13 30.13 -5.64
N GLY A 352 -0.06 29.27 -4.65
CA GLY A 352 0.47 29.56 -3.33
C GLY A 352 -0.13 28.75 -2.21
N GLU A 353 -1.42 28.48 -2.29
CA GLU A 353 -2.07 27.67 -1.27
C GLU A 353 -2.49 26.36 -1.89
N TRP A 354 -2.76 25.37 -1.07
CA TRP A 354 -3.11 24.06 -1.58
C TRP A 354 -4.53 23.98 -2.12
N ASN A 355 -5.37 24.96 -1.79
CA ASN A 355 -6.75 24.87 -2.21
C ASN A 355 -7.18 25.91 -3.23
N VAL A 356 -6.25 26.66 -3.80
CA VAL A 356 -6.62 27.60 -4.84
C VAL A 356 -7.40 26.92 -5.95
N ILE A 357 -6.81 25.92 -6.59
CA ILE A 357 -7.47 25.22 -7.69
C ILE A 357 -8.84 24.74 -7.30
N ARG A 358 -8.92 23.96 -6.23
CA ARG A 358 -10.20 23.43 -5.77
C ARG A 358 -11.24 24.53 -5.64
N ASP A 359 -10.96 25.53 -4.83
CA ASP A 359 -11.93 26.58 -4.58
C ASP A 359 -12.29 27.41 -5.81
N LYS A 360 -11.33 27.65 -6.69
CA LYS A 360 -11.62 28.40 -7.91
C LYS A 360 -12.58 27.62 -8.78
N TRP A 361 -12.35 26.32 -8.91
CA TRP A 361 -13.25 25.49 -9.67
C TRP A 361 -14.60 25.41 -8.97
N ASN A 362 -14.59 25.37 -7.64
CA ASN A 362 -15.84 25.32 -6.88
C ASN A 362 -16.64 26.61 -7.06
N ALA A 363 -15.95 27.74 -7.22
CA ALA A 363 -16.62 29.01 -7.44
C ALA A 363 -17.27 29.04 -8.81
N GLU A 364 -16.57 28.50 -9.80
CA GLU A 364 -17.13 28.43 -11.14
C GLU A 364 -18.26 27.43 -11.18
N TYR A 365 -18.18 26.40 -10.34
CA TYR A 365 -19.27 25.45 -10.28
C TYR A 365 -20.46 26.16 -9.67
N ASP A 366 -20.23 27.04 -8.70
CA ASP A 366 -21.33 27.80 -8.11
C ASP A 366 -21.98 28.72 -9.14
N ASP A 367 -21.20 29.28 -10.04
CA ASP A 367 -21.76 30.12 -11.08
C ASP A 367 -22.72 29.32 -11.95
N ILE A 368 -22.37 28.08 -12.26
CA ILE A 368 -23.21 27.30 -13.18
C ILE A 368 -24.17 26.32 -12.53
N HIS A 369 -24.11 26.13 -11.22
CA HIS A 369 -24.95 25.13 -10.58
C HIS A 369 -25.69 25.65 -9.36
N LEU A 370 -25.28 26.81 -8.85
CA LEU A 370 -25.99 27.40 -7.72
C LEU A 370 -26.18 28.90 -7.91
N VAL A 376 -23.12 27.71 0.43
CA VAL A 376 -23.33 26.37 -0.11
C VAL A 376 -24.01 25.48 0.92
N THR A 377 -24.48 24.32 0.49
CA THR A 377 -25.16 23.40 1.40
C THR A 377 -24.32 22.15 1.59
N GLU A 378 -24.93 21.11 2.16
CA GLU A 378 -24.22 19.87 2.38
C GLU A 378 -24.12 19.08 1.09
N LYS A 379 -25.25 18.84 0.45
CA LYS A 379 -25.26 18.05 -0.76
C LYS A 379 -24.55 18.74 -1.91
N TYR A 380 -24.53 20.07 -1.90
CA TYR A 380 -23.82 20.80 -2.93
C TYR A 380 -22.32 20.59 -2.81
N GLU A 381 -21.84 20.39 -1.60
CA GLU A 381 -20.42 20.09 -1.44
C GLU A 381 -20.12 18.80 -2.16
N ASP A 382 -20.94 17.78 -1.94
CA ASP A 382 -20.73 16.49 -2.60
C ASP A 382 -20.89 16.56 -4.10
N ASP A 383 -21.76 17.45 -4.59
CA ASP A 383 -21.90 17.63 -6.04
C ASP A 383 -20.58 18.13 -6.56
N ARG A 384 -20.10 19.25 -6.01
CA ARG A 384 -18.80 19.78 -6.42
C ARG A 384 -17.73 18.73 -6.30
N ARG A 385 -17.70 18.02 -5.17
CA ARG A 385 -16.69 16.99 -4.95
C ARG A 385 -16.63 16.00 -6.08
N LYS A 386 -17.72 15.28 -6.31
CA LYS A 386 -17.74 14.24 -7.33
C LYS A 386 -17.38 14.80 -8.70
N SER A 387 -17.80 16.02 -9.00
CA SER A 387 -17.54 16.57 -10.31
C SER A 387 -16.09 16.98 -10.48
N PHE A 388 -15.41 17.31 -9.39
CA PHE A 388 -13.99 17.63 -9.47
C PHE A 388 -13.26 16.32 -9.63
N LYS A 389 -13.79 15.27 -9.03
CA LYS A 389 -13.19 13.94 -9.18
C LYS A 389 -13.45 13.41 -10.58
N LYS A 390 -14.47 13.93 -11.25
CA LYS A 390 -14.73 13.54 -12.62
C LYS A 390 -13.72 14.17 -13.55
N ILE A 391 -13.30 15.39 -13.25
CA ILE A 391 -12.26 16.01 -14.06
C ILE A 391 -10.99 15.20 -13.87
N GLY A 392 -10.30 14.89 -14.97
CA GLY A 392 -9.10 14.09 -14.88
C GLY A 392 -7.90 14.81 -15.46
N SER A 393 -8.10 15.99 -16.01
CA SER A 393 -6.99 16.77 -16.55
C SER A 393 -7.36 18.24 -16.54
N PHE A 394 -6.39 19.09 -16.25
CA PHE A 394 -6.66 20.52 -16.20
C PHE A 394 -5.77 21.31 -17.13
N SER A 395 -5.99 21.16 -18.42
CA SER A 395 -5.21 21.91 -19.39
C SER A 395 -4.41 23.00 -18.70
N LEU A 396 -3.35 23.46 -19.34
CA LEU A 396 -2.51 24.47 -18.71
C LEU A 396 -3.17 25.83 -18.81
N GLU A 397 -3.84 26.09 -19.92
CA GLU A 397 -4.56 27.35 -20.07
C GLU A 397 -5.84 27.36 -19.24
N GLN A 398 -6.42 26.19 -19.00
CA GLN A 398 -7.60 26.13 -18.14
C GLN A 398 -7.20 26.40 -16.71
N LEU A 399 -5.99 26.00 -16.33
CA LEU A 399 -5.50 26.30 -14.99
C LEU A 399 -5.11 27.76 -14.90
N GLN A 400 -4.77 28.38 -16.03
CA GLN A 400 -4.47 29.80 -16.01
C GLN A 400 -5.73 30.57 -15.69
N GLU A 401 -6.87 30.04 -16.10
CA GLU A 401 -8.15 30.69 -15.78
C GLU A 401 -8.47 30.61 -14.29
N TYR A 402 -8.09 29.51 -13.65
CA TYR A 402 -8.31 29.40 -12.21
C TYR A 402 -7.12 30.02 -11.54
N ALA A 403 -6.62 31.11 -12.10
CA ALA A 403 -5.42 31.72 -11.56
C ALA A 403 -5.65 32.79 -10.53
N ASP A 404 -4.75 33.77 -10.48
CA ASP A 404 -4.87 34.84 -9.51
C ASP A 404 -4.78 36.20 -10.18
N ALA A 405 -3.59 36.56 -10.66
CA ALA A 405 -3.39 37.85 -11.28
C ALA A 405 -2.51 37.73 -12.50
N ASP A 406 -1.25 38.14 -12.36
CA ASP A 406 -0.30 38.02 -13.47
C ASP A 406 0.40 36.69 -13.36
N LEU A 407 0.00 35.88 -12.38
CA LEU A 407 0.59 34.57 -12.19
C LEU A 407 0.41 33.73 -13.43
N SER A 408 1.51 33.41 -14.09
CA SER A 408 1.42 32.53 -15.25
C SER A 408 1.58 31.13 -14.74
N VAL A 409 0.48 30.37 -14.75
CA VAL A 409 0.54 28.99 -14.30
C VAL A 409 1.63 28.24 -15.06
N VAL A 410 1.67 28.41 -16.38
CA VAL A 410 2.65 27.69 -17.18
C VAL A 410 4.07 27.98 -16.74
N GLU A 411 4.44 29.25 -16.68
CA GLU A 411 5.81 29.59 -16.37
C GLU A 411 6.19 29.25 -14.94
N LYS A 412 5.26 29.37 -14.00
CA LYS A 412 5.55 28.98 -12.63
C LYS A 412 5.81 27.49 -12.56
N LEU A 413 4.99 26.70 -13.25
CA LEU A 413 5.22 25.25 -13.29
C LEU A 413 6.59 25.01 -13.86
N LYS A 414 6.88 25.61 -15.01
CA LYS A 414 8.18 25.44 -15.65
C LYS A 414 9.33 25.66 -14.66
N GLU A 415 9.30 26.77 -13.94
CA GLU A 415 10.35 27.05 -12.99
C GLU A 415 10.43 26.02 -11.87
N ILE A 416 9.31 25.71 -11.23
CA ILE A 416 9.32 24.77 -10.13
C ILE A 416 9.88 23.44 -10.59
N ILE A 417 9.40 22.96 -11.73
CA ILE A 417 9.83 21.65 -12.20
C ILE A 417 11.27 21.64 -12.67
N ILE A 418 11.80 22.79 -13.05
CA ILE A 418 13.21 22.87 -13.44
C ILE A 418 14.08 22.80 -12.18
N GLN A 419 13.67 23.49 -11.12
CA GLN A 419 14.41 23.45 -9.87
C GLN A 419 14.40 22.03 -9.31
N LYS A 420 13.42 21.23 -9.68
CA LYS A 420 13.36 19.85 -9.23
C LYS A 420 14.53 19.06 -9.80
N VAL A 421 14.83 19.28 -11.07
CA VAL A 421 15.99 18.60 -11.66
C VAL A 421 17.26 19.21 -11.12
N ASP A 422 17.20 20.48 -10.71
CA ASP A 422 18.37 21.10 -10.10
C ASP A 422 18.76 20.30 -8.86
N GLU A 423 17.77 19.86 -8.11
CA GLU A 423 18.04 19.04 -6.91
C GLU A 423 18.72 17.75 -7.32
N ILE A 424 18.24 17.10 -8.37
CA ILE A 424 18.89 15.88 -8.86
C ILE A 424 20.35 16.12 -9.12
N TYR A 425 20.67 17.12 -9.94
CA TYR A 425 22.06 17.36 -10.30
C TYR A 425 22.94 17.75 -9.12
N LYS A 426 22.34 18.36 -8.09
CA LYS A 426 23.10 18.70 -6.90
C LYS A 426 23.64 17.45 -6.22
N VAL A 427 22.80 16.42 -6.10
CA VAL A 427 23.25 15.17 -5.51
C VAL A 427 24.01 14.30 -6.49
N TYR A 428 24.01 14.67 -7.76
CA TYR A 428 24.83 13.92 -8.71
C TYR A 428 26.27 14.36 -8.55
N GLY A 429 26.47 15.57 -8.03
CA GLY A 429 27.81 16.05 -7.76
C GLY A 429 28.35 15.49 -6.45
N SER A 430 27.47 14.98 -5.60
CA SER A 430 27.90 14.41 -4.33
C SER A 430 28.06 12.90 -4.42
N SER A 431 27.64 12.32 -5.54
CA SER A 431 27.75 10.88 -5.71
C SER A 431 28.86 10.55 -6.68
N GLU A 432 29.69 11.53 -7.01
CA GLU A 432 30.79 11.30 -7.93
C GLU A 432 31.74 10.24 -7.40
N LYS A 433 31.92 10.19 -6.09
CA LYS A 433 32.79 9.17 -5.49
C LYS A 433 32.30 7.77 -5.82
N LEU A 434 31.00 7.53 -5.65
CA LEU A 434 30.44 6.22 -5.92
C LEU A 434 30.48 5.92 -7.40
N PHE A 435 30.42 6.96 -8.22
CA PHE A 435 30.39 6.75 -9.65
C PHE A 435 31.78 6.72 -10.26
N ASP A 436 32.80 6.89 -9.44
CA ASP A 436 34.16 6.79 -9.95
C ASP A 436 34.50 5.32 -10.16
N ALA A 437 35.29 5.03 -11.19
CA ALA A 437 35.63 3.64 -11.52
C ALA A 437 36.12 2.82 -10.33
N ASP A 438 37.16 3.32 -9.66
CA ASP A 438 37.71 2.59 -8.52
C ASP A 438 37.17 3.13 -7.23
N PHE A 439 35.87 2.94 -7.00
CA PHE A 439 35.30 3.36 -5.74
C PHE A 439 35.88 2.50 -4.64
N VAL A 440 36.58 3.14 -3.72
CA VAL A 440 37.15 2.40 -2.59
C VAL A 440 36.06 1.99 -1.64
N LEU A 441 35.64 0.73 -1.72
CA LEU A 441 34.65 0.25 -0.78
C LEU A 441 35.36 -0.03 0.53
N GLU A 442 34.87 0.57 1.60
CA GLU A 442 35.48 0.37 2.89
C GLU A 442 34.72 -0.67 3.71
N LYS A 443 33.88 -0.22 4.62
CA LYS A 443 33.14 -1.14 5.46
C LYS A 443 31.87 -1.63 4.81
N SER A 444 31.96 -2.62 3.92
CA SER A 444 30.80 -3.16 3.22
C SER A 444 29.93 -2.09 2.58
N LEU A 445 28.61 -2.27 2.62
CA LEU A 445 27.69 -1.27 2.08
C LEU A 445 26.61 -1.08 3.10
N LYS A 446 26.14 -2.17 3.66
CA LYS A 446 25.09 -2.11 4.66
C LYS A 446 25.64 -1.60 5.97
N LYS A 447 26.96 -1.67 6.14
CA LYS A 447 27.58 -1.12 7.34
C LYS A 447 28.22 0.21 7.00
N ASN A 448 28.30 0.53 5.71
CA ASN A 448 28.83 1.83 5.28
C ASN A 448 27.69 2.80 5.17
N ASP A 449 27.26 3.37 6.28
CA ASP A 449 26.09 4.25 6.24
C ASP A 449 26.29 5.52 5.45
N ALA A 450 27.54 5.94 5.29
CA ALA A 450 27.81 7.11 4.46
C ALA A 450 27.39 6.78 3.05
N VAL A 451 27.82 5.63 2.55
CA VAL A 451 27.46 5.19 1.21
C VAL A 451 25.95 5.00 1.07
N VAL A 452 25.31 4.40 2.07
CA VAL A 452 23.86 4.26 2.05
C VAL A 452 23.20 5.62 1.85
N ALA A 453 23.60 6.59 2.66
CA ALA A 453 23.04 7.94 2.54
C ALA A 453 23.26 8.52 1.16
N ILE A 454 24.49 8.47 0.67
CA ILE A 454 24.80 9.00 -0.66
C ILE A 454 23.87 8.39 -1.70
N MET A 455 23.75 7.07 -1.67
CA MET A 455 22.87 6.40 -2.62
C MET A 455 21.46 6.89 -2.48
N LYS A 456 20.88 6.75 -1.29
CA LYS A 456 19.51 7.19 -1.05
C LYS A 456 19.26 8.57 -1.57
N ASP A 457 20.14 9.50 -1.21
CA ASP A 457 19.93 10.88 -1.62
C ASP A 457 19.72 11.03 -3.13
N LEU A 458 20.65 10.53 -3.93
CA LEU A 458 20.51 10.71 -5.38
C LEU A 458 19.35 9.92 -5.93
N LEU A 459 19.22 8.67 -5.50
CA LEU A 459 18.11 7.86 -5.96
C LEU A 459 16.77 8.53 -5.72
N ASP A 460 16.60 9.14 -4.56
CA ASP A 460 15.33 9.78 -4.23
C ASP A 460 15.17 11.14 -4.88
N SER A 461 16.26 11.82 -5.20
CA SER A 461 16.17 13.09 -5.90
C SER A 461 15.53 12.84 -7.25
N VAL A 462 16.04 11.84 -7.95
CA VAL A 462 15.47 11.48 -9.24
C VAL A 462 14.04 10.95 -9.11
N LYS A 463 13.80 10.09 -8.13
CA LYS A 463 12.46 9.59 -7.92
C LYS A 463 11.45 10.70 -7.71
N SER A 464 11.84 11.77 -7.03
CA SER A 464 10.94 12.87 -6.79
C SER A 464 10.60 13.59 -8.07
N PHE A 465 11.60 13.83 -8.92
CA PHE A 465 11.35 14.48 -10.20
C PHE A 465 10.37 13.64 -10.99
N GLU A 466 10.58 12.33 -11.03
CA GLU A 466 9.68 11.44 -11.74
C GLU A 466 8.24 11.65 -11.30
N ASN A 467 8.00 11.67 -9.99
CA ASN A 467 6.62 11.81 -9.51
C ASN A 467 6.03 13.18 -9.76
N TYR A 468 6.87 14.21 -9.79
CA TYR A 468 6.40 15.55 -10.07
C TYR A 468 6.00 15.71 -11.53
N ILE A 469 6.93 15.39 -12.43
CA ILE A 469 6.65 15.54 -13.85
C ILE A 469 5.71 14.48 -14.40
N LYS A 470 5.32 13.51 -13.59
CA LYS A 470 4.37 12.52 -14.03
C LYS A 470 3.09 13.21 -14.45
N ALA A 471 2.58 14.11 -13.60
CA ALA A 471 1.31 14.75 -13.89
C ALA A 471 1.23 15.42 -15.25
N PHE A 472 2.25 16.19 -15.64
CA PHE A 472 2.27 16.85 -16.94
C PHE A 472 1.91 15.87 -18.04
N PHE A 473 1.02 14.93 -17.75
CA PHE A 473 0.59 13.94 -18.74
C PHE A 473 -0.89 14.12 -18.98
N GLY A 474 -1.66 14.14 -17.91
CA GLY A 474 -3.10 14.25 -18.04
C GLY A 474 -3.72 12.89 -17.91
N GLU A 475 -4.84 12.67 -18.59
CA GLU A 475 -5.47 11.36 -18.58
C GLU A 475 -5.22 10.65 -19.90
N GLY A 476 -4.34 11.20 -20.73
CA GLY A 476 -4.03 10.58 -22.01
C GLY A 476 -5.17 10.65 -23.01
N LYS A 477 -6.37 10.29 -22.57
CA LYS A 477 -7.52 10.28 -23.47
C LYS A 477 -8.17 11.65 -23.55
N GLU A 478 -7.59 12.55 -24.34
CA GLU A 478 -8.12 13.89 -24.44
C GLU A 478 -8.33 14.27 -25.89
N THR A 479 -7.92 15.48 -26.28
CA THR A 479 -8.19 15.92 -27.64
C THR A 479 -7.08 16.68 -28.35
N ASN A 480 -6.72 17.87 -27.87
CA ASN A 480 -5.73 18.69 -28.58
C ASN A 480 -4.32 18.58 -28.06
N ARG A 481 -3.94 17.39 -27.62
CA ARG A 481 -2.61 17.18 -27.05
C ARG A 481 -1.48 17.80 -27.87
N ASP A 482 -0.76 18.75 -27.28
CA ASP A 482 0.33 19.41 -27.97
C ASP A 482 1.31 18.34 -28.38
N GLU A 483 1.47 18.10 -29.68
CA GLU A 483 2.32 17.00 -30.11
C GLU A 483 3.77 17.36 -30.23
N SER A 484 4.15 18.55 -29.79
CA SER A 484 5.54 18.90 -29.77
C SER A 484 5.98 18.60 -28.36
N PHE A 485 5.05 18.70 -27.41
CA PHE A 485 5.37 18.33 -26.03
C PHE A 485 5.21 16.84 -25.95
N TYR A 486 3.97 16.39 -25.87
CA TYR A 486 3.71 14.97 -25.82
C TYR A 486 4.32 14.29 -27.02
N GLY A 487 4.89 13.11 -26.79
CA GLY A 487 5.56 12.41 -27.87
C GLY A 487 7.03 12.44 -27.57
N ASP A 488 7.59 13.64 -27.50
CA ASP A 488 9.00 13.77 -27.17
C ASP A 488 9.13 13.61 -25.68
N PHE A 489 8.28 14.30 -24.94
CA PHE A 489 8.32 14.19 -23.49
C PHE A 489 8.01 12.77 -23.05
N VAL A 490 7.00 12.14 -23.64
CA VAL A 490 6.61 10.81 -23.21
C VAL A 490 7.69 9.77 -23.47
N LEU A 491 8.52 9.99 -24.48
CA LEU A 491 9.60 9.06 -24.77
C LEU A 491 10.60 9.14 -23.63
N ALA A 492 10.99 10.36 -23.29
CA ALA A 492 11.94 10.53 -22.19
C ALA A 492 11.39 10.03 -20.86
N TYR A 493 10.13 10.32 -20.57
CA TYR A 493 9.54 9.87 -19.31
C TYR A 493 9.52 8.35 -19.20
N ASP A 494 9.29 7.67 -20.32
CA ASP A 494 9.29 6.22 -20.31
C ASP A 494 10.55 5.70 -19.64
N ILE A 495 11.69 6.22 -20.07
CA ILE A 495 12.93 5.82 -19.43
C ILE A 495 13.01 6.29 -17.96
N LEU A 496 12.73 7.56 -17.68
CA LEU A 496 12.77 8.07 -16.31
C LEU A 496 11.84 7.29 -15.43
N LEU A 497 11.35 6.16 -15.92
CA LEU A 497 10.54 5.31 -15.09
C LEU A 497 11.48 4.20 -14.76
N LYS A 498 12.61 4.19 -15.44
CA LYS A 498 13.64 3.20 -15.17
C LYS A 498 14.17 3.34 -13.74
N VAL A 499 14.41 4.58 -13.30
CA VAL A 499 14.92 4.82 -11.93
C VAL A 499 14.16 4.06 -10.86
N ASP A 500 12.84 3.99 -10.96
CA ASP A 500 12.03 3.30 -9.96
C ASP A 500 12.61 1.94 -9.62
N HIS A 501 12.91 1.14 -10.64
CA HIS A 501 13.51 -0.16 -10.40
C HIS A 501 14.89 -0.09 -9.74
N ILE A 502 15.80 0.71 -10.29
CA ILE A 502 17.14 0.81 -9.73
C ILE A 502 17.11 1.36 -8.30
N TYR A 503 16.19 2.27 -8.00
CA TYR A 503 16.06 2.77 -6.63
C TYR A 503 15.68 1.63 -5.75
N ASP A 504 14.62 0.92 -6.12
CA ASP A 504 14.16 -0.20 -5.33
C ASP A 504 15.26 -1.20 -5.11
N ALA A 505 16.03 -1.50 -6.16
CA ALA A 505 17.09 -2.49 -6.05
C ALA A 505 18.08 -2.15 -4.96
N ILE A 506 18.67 -0.96 -5.02
CA ILE A 506 19.68 -0.60 -4.05
C ILE A 506 19.07 -0.37 -2.67
N ARG A 507 17.85 0.11 -2.62
CA ARG A 507 17.19 0.27 -1.33
C ARG A 507 17.04 -1.08 -0.70
N ASN A 508 16.54 -2.04 -1.45
CA ASN A 508 16.30 -3.37 -0.89
C ASN A 508 17.58 -4.14 -0.62
N TYR A 509 18.68 -3.73 -1.23
CA TYR A 509 19.94 -4.38 -0.92
C TYR A 509 20.36 -3.90 0.45
N VAL A 510 20.48 -2.59 0.62
CA VAL A 510 20.92 -2.04 1.89
C VAL A 510 19.98 -2.33 3.06
N THR A 511 18.68 -2.23 2.83
CA THR A 511 17.71 -2.47 3.89
C THR A 511 17.62 -3.97 4.12
N GLN A 512 18.43 -4.72 3.39
CA GLN A 512 18.43 -6.17 3.51
C GLN A 512 18.92 -6.60 4.87
N LYS A 513 18.38 -7.71 5.35
CA LYS A 513 18.81 -8.26 6.61
C LYS A 513 20.24 -8.77 6.47
N PRO A 514 20.96 -8.93 7.59
CA PRO A 514 22.31 -9.49 7.46
C PRO A 514 22.30 -10.89 6.86
N TYR A 515 21.22 -11.62 7.05
CA TYR A 515 21.15 -12.97 6.56
C TYR A 515 20.30 -13.09 5.32
N SER A 516 19.93 -14.33 4.99
CA SER A 516 19.12 -14.56 3.80
C SER A 516 18.18 -15.73 4.05
N LYS A 517 16.98 -15.65 3.49
CA LYS A 517 16.00 -16.69 3.73
C LYS A 517 15.69 -17.46 2.46
N ASP A 518 16.68 -17.59 1.57
CA ASP A 518 16.48 -18.30 0.31
C ASP A 518 16.39 -19.78 0.50
N LYS A 519 15.32 -20.37 -0.02
CA LYS A 519 15.11 -21.78 0.15
C LYS A 519 15.03 -22.48 -1.20
N PHE A 520 15.21 -23.80 -1.22
CA PHE A 520 15.04 -24.54 -2.47
C PHE A 520 14.16 -25.75 -2.23
N LYS A 521 13.05 -25.85 -2.95
CA LYS A 521 12.11 -26.94 -2.71
C LYS A 521 12.75 -28.30 -2.76
N LEU A 522 12.54 -29.08 -1.70
CA LEU A 522 13.16 -30.39 -1.64
C LEU A 522 12.22 -31.43 -2.19
N TYR A 523 12.56 -31.95 -3.34
CA TYR A 523 11.73 -32.96 -3.96
C TYR A 523 12.30 -34.29 -3.60
N PHE A 524 13.59 -34.32 -3.29
CA PHE A 524 14.27 -35.57 -2.97
C PHE A 524 14.01 -36.58 -4.06
N GLN A 525 14.38 -36.25 -5.31
CA GLN A 525 14.13 -37.13 -6.46
C GLN A 525 12.69 -37.61 -6.57
N ASN A 526 11.73 -36.71 -6.36
CA ASN A 526 10.32 -37.07 -6.46
C ASN A 526 9.49 -35.82 -6.66
N PRO A 527 9.00 -35.60 -7.89
CA PRO A 527 8.13 -34.46 -8.14
C PRO A 527 6.88 -34.47 -7.27
N GLN A 528 6.37 -35.66 -6.94
CA GLN A 528 5.22 -35.75 -6.06
C GLN A 528 5.63 -36.02 -4.63
N PHE A 529 6.45 -35.14 -4.06
CA PHE A 529 6.86 -35.29 -2.67
C PHE A 529 5.95 -34.51 -1.75
N MET A 530 5.65 -35.05 -0.57
CA MET A 530 4.78 -34.39 0.42
C MET A 530 3.68 -33.51 -0.16
N GLY A 531 2.73 -34.12 -0.85
CA GLY A 531 1.63 -33.38 -1.43
C GLY A 531 0.32 -33.81 -0.83
N GLY A 532 0.39 -34.63 0.20
CA GLY A 532 -0.82 -35.09 0.85
C GLY A 532 -0.55 -35.88 2.11
N TRP A 533 -1.59 -36.14 2.87
CA TRP A 533 -1.44 -36.88 4.11
C TRP A 533 -2.44 -38.02 4.15
N ASP A 534 -2.69 -38.62 2.99
CA ASP A 534 -3.64 -39.72 2.91
C ASP A 534 -3.05 -41.00 3.46
N LYS A 535 -3.78 -41.65 4.36
CA LYS A 535 -3.31 -42.92 4.92
C LYS A 535 -3.11 -43.96 3.84
N ASP A 536 -4.12 -44.15 3.00
CA ASP A 536 -4.02 -45.12 1.91
C ASP A 536 -2.82 -44.90 0.99
N LYS A 537 -2.42 -43.64 0.79
CA LYS A 537 -1.33 -43.37 -0.15
C LYS A 537 -0.04 -42.94 0.52
N GLU A 538 0.42 -43.71 1.50
CA GLU A 538 1.63 -43.34 2.24
C GLU A 538 2.92 -43.44 1.43
N THR A 539 2.89 -44.11 0.28
CA THR A 539 4.09 -44.30 -0.52
C THR A 539 4.08 -43.45 -1.77
N ASP A 540 3.11 -42.57 -1.89
CA ASP A 540 3.04 -41.69 -3.05
C ASP A 540 3.80 -40.43 -2.75
N TYR A 541 3.36 -39.70 -1.73
CA TYR A 541 4.04 -38.47 -1.36
C TYR A 541 5.16 -38.79 -0.40
N ARG A 542 5.17 -40.01 0.14
CA ARG A 542 6.24 -40.45 1.03
C ARG A 542 6.54 -39.50 2.17
N ALA A 543 5.57 -39.28 3.05
CA ALA A 543 5.76 -38.38 4.19
C ALA A 543 4.71 -38.59 5.30
N THR A 544 5.13 -38.52 6.55
CA THR A 544 4.19 -38.64 7.66
C THR A 544 4.68 -37.87 8.87
N ILE A 545 3.77 -37.25 9.61
CA ILE A 545 4.16 -36.55 10.84
C ILE A 545 4.31 -37.58 11.95
N LEU A 546 5.50 -37.65 12.54
CA LEU A 546 5.71 -38.58 13.63
C LEU A 546 5.55 -37.87 14.98
N ARG A 547 5.40 -38.63 16.06
CA ARG A 547 5.22 -38.03 17.36
C ARG A 547 5.91 -38.79 18.49
N TYR A 548 6.90 -38.17 19.11
CA TYR A 548 7.59 -38.81 20.22
C TYR A 548 7.10 -38.26 21.53
N GLY A 549 5.80 -38.30 21.75
CA GLY A 549 5.23 -37.72 22.96
C GLY A 549 5.17 -36.21 22.90
N SER A 550 6.27 -35.56 23.28
CA SER A 550 6.30 -34.11 23.29
C SER A 550 6.86 -33.55 22.00
N LYS A 551 7.58 -34.38 21.26
CA LYS A 551 8.22 -33.91 20.04
C LYS A 551 7.41 -34.26 18.82
N TYR A 552 7.69 -33.59 17.71
CA TYR A 552 6.96 -33.85 16.49
C TYR A 552 7.98 -34.05 15.39
N TYR A 553 7.74 -35.02 14.50
CA TYR A 553 8.73 -35.33 13.48
C TYR A 553 8.17 -35.40 12.07
N LEU A 554 9.04 -35.62 11.10
CA LEU A 554 8.61 -35.74 9.72
C LEU A 554 9.39 -36.88 9.07
N ALA A 555 8.73 -38.02 8.89
CA ALA A 555 9.40 -39.14 8.24
C ALA A 555 9.21 -39.04 6.76
N ILE A 556 10.30 -39.12 6.00
CA ILE A 556 10.22 -39.09 4.55
C ILE A 556 11.04 -40.21 3.93
N MET A 557 10.38 -41.30 3.53
CA MET A 557 11.07 -42.42 2.94
C MET A 557 11.40 -42.10 1.51
N ASP A 558 12.42 -42.72 0.95
CA ASP A 558 12.82 -42.37 -0.40
C ASP A 558 12.74 -43.49 -1.42
N LYS A 559 13.13 -43.20 -2.65
CA LYS A 559 13.07 -44.17 -3.75
C LYS A 559 13.03 -45.67 -3.49
N LYS A 560 14.17 -46.28 -3.17
CA LYS A 560 14.23 -47.75 -3.03
C LYS A 560 13.70 -48.38 -1.75
N TYR A 561 12.99 -47.63 -0.94
CA TYR A 561 12.52 -48.12 0.36
C TYR A 561 11.34 -47.25 0.74
N ALA A 562 10.50 -46.93 -0.23
CA ALA A 562 9.39 -46.01 0.02
C ALA A 562 8.24 -46.53 0.87
N LYS A 563 8.35 -47.75 1.38
CA LYS A 563 7.28 -48.34 2.18
C LYS A 563 7.80 -49.03 3.43
N CYS A 564 9.06 -48.78 3.78
CA CYS A 564 9.66 -49.45 4.93
C CYS A 564 8.92 -49.33 6.26
N LEU A 565 8.50 -48.11 6.61
CA LEU A 565 7.81 -47.90 7.87
C LEU A 565 6.56 -48.76 8.00
N GLN A 566 5.78 -48.85 6.94
CA GLN A 566 4.53 -49.61 6.98
C GLN A 566 4.72 -51.08 7.29
N LYS A 567 5.89 -51.64 6.95
CA LYS A 567 6.16 -53.03 7.29
C LYS A 567 6.47 -53.17 8.77
N ILE A 568 7.47 -52.42 9.24
CA ILE A 568 7.87 -52.53 10.63
C ILE A 568 7.30 -51.42 11.49
N ASP A 569 6.17 -51.70 12.13
CA ASP A 569 5.52 -50.69 12.95
C ASP A 569 5.69 -50.97 14.43
N LYS A 570 4.62 -51.39 15.08
CA LYS A 570 4.65 -51.66 16.54
C LYS A 570 5.96 -52.07 17.15
N ASP A 571 6.53 -51.19 17.97
CA ASP A 571 7.78 -51.52 18.66
C ASP A 571 7.44 -51.83 20.10
N ASP A 572 6.15 -52.03 20.40
CA ASP A 572 5.69 -52.36 21.76
C ASP A 572 6.33 -51.56 22.87
N VAL A 573 7.29 -52.17 23.58
CA VAL A 573 7.95 -51.49 24.68
C VAL A 573 9.06 -50.56 24.22
N ASN A 574 8.70 -49.52 23.47
CA ASN A 574 9.68 -48.56 22.99
C ASN A 574 9.08 -47.17 23.06
N GLY A 575 9.80 -46.18 22.55
CA GLY A 575 9.31 -44.81 22.61
C GLY A 575 8.24 -44.53 21.59
N ASN A 576 8.21 -45.31 20.50
CA ASN A 576 7.17 -45.18 19.46
C ASN A 576 6.93 -43.81 18.82
N TYR A 577 7.64 -43.52 17.74
CA TYR A 577 7.41 -42.29 17.00
C TYR A 577 6.10 -42.44 16.27
N GLU A 578 4.99 -42.03 16.89
CA GLU A 578 3.67 -42.21 16.31
C GLU A 578 3.46 -41.72 14.89
N LYS A 579 3.31 -42.64 13.95
CA LYS A 579 3.02 -42.26 12.57
C LYS A 579 1.66 -41.60 12.55
N ILE A 580 1.43 -40.67 11.64
CA ILE A 580 0.10 -40.09 11.55
C ILE A 580 -0.87 -41.03 10.84
N ASN A 581 -2.04 -41.22 11.41
CA ASN A 581 -3.06 -42.03 10.77
C ASN A 581 -4.13 -41.05 10.38
N TYR A 582 -3.78 -40.12 9.50
CA TYR A 582 -4.76 -39.15 9.04
C TYR A 582 -5.67 -39.83 8.04
N LYS A 583 -6.85 -40.25 8.49
CA LYS A 583 -7.76 -40.96 7.62
C LYS A 583 -8.73 -40.01 6.94
N LEU A 584 -8.63 -38.72 7.24
CA LEU A 584 -9.47 -37.74 6.56
C LEU A 584 -8.72 -37.16 5.39
N LEU A 585 -9.36 -36.28 4.63
CA LEU A 585 -8.75 -35.73 3.44
C LEU A 585 -8.00 -34.44 3.73
N PRO A 586 -6.83 -34.25 3.09
CA PRO A 586 -6.11 -33.00 3.25
C PRO A 586 -6.46 -32.03 2.14
N TYR A 677 -12.91 -34.71 11.44
CA TYR A 677 -11.47 -34.75 11.61
C TYR A 677 -11.03 -36.12 12.11
N LYS A 678 -10.36 -36.89 11.26
CA LYS A 678 -9.88 -38.20 11.65
C LYS A 678 -8.39 -38.16 11.92
N VAL A 679 -7.99 -37.49 12.99
CA VAL A 679 -6.57 -37.41 13.34
C VAL A 679 -6.13 -38.53 14.26
N SER A 680 -6.15 -39.76 13.78
CA SER A 680 -5.65 -40.85 14.60
C SER A 680 -4.13 -40.80 14.46
N PHE A 681 -3.42 -41.41 15.40
CA PHE A 681 -1.97 -41.43 15.33
C PHE A 681 -1.46 -42.83 15.60
N GLU A 682 -1.22 -43.60 14.54
CA GLU A 682 -0.77 -44.96 14.70
C GLU A 682 0.60 -45.05 15.36
N SER A 683 0.65 -45.52 16.59
CA SER A 683 1.93 -45.70 17.27
C SER A 683 2.77 -46.63 16.42
N ALA A 684 3.90 -46.12 15.91
CA ALA A 684 4.71 -46.94 15.02
C ALA A 684 5.92 -47.51 15.72
N SER A 685 7.10 -47.19 15.20
CA SER A 685 8.32 -47.76 15.75
C SER A 685 9.21 -46.73 16.39
N LYS A 686 10.25 -47.21 17.05
CA LYS A 686 11.21 -46.30 17.64
C LYS A 686 12.56 -46.82 17.25
N LYS A 687 12.86 -48.02 17.71
CA LYS A 687 14.13 -48.63 17.36
C LYS A 687 14.18 -48.83 15.87
N GLU A 688 13.08 -49.30 15.29
CA GLU A 688 13.05 -49.54 13.85
C GLU A 688 13.00 -48.26 13.04
N VAL A 689 12.32 -47.22 13.55
CA VAL A 689 12.31 -45.93 12.84
C VAL A 689 13.73 -45.43 12.81
N ASP A 690 14.41 -45.43 13.94
CA ASP A 690 15.77 -44.92 14.01
C ASP A 690 16.71 -45.80 13.20
N LYS A 691 16.46 -47.09 13.17
CA LYS A 691 17.27 -47.99 12.36
C LYS A 691 17.24 -47.53 10.93
N LEU A 692 16.05 -47.26 10.40
CA LEU A 692 15.92 -46.79 9.03
C LEU A 692 16.66 -45.50 8.79
N VAL A 693 16.54 -44.56 9.73
CA VAL A 693 17.22 -43.26 9.59
C VAL A 693 18.71 -43.46 9.46
N GLU A 694 19.28 -44.29 10.32
CA GLU A 694 20.72 -44.54 10.29
C GLU A 694 21.15 -45.25 9.03
N GLU A 695 20.32 -46.17 8.53
CA GLU A 695 20.67 -46.91 7.33
C GLU A 695 20.67 -46.04 6.09
N GLY A 696 19.56 -45.36 5.83
CA GLY A 696 19.46 -44.53 4.65
C GLY A 696 18.08 -44.64 4.08
N LYS A 697 17.22 -45.40 4.73
CA LYS A 697 15.87 -45.58 4.27
C LYS A 697 15.01 -44.38 4.58
N LEU A 698 14.64 -44.20 5.85
CA LEU A 698 13.86 -43.05 6.25
C LEU A 698 14.77 -41.84 6.35
N TYR A 699 14.17 -40.66 6.37
CA TYR A 699 14.98 -39.47 6.55
C TYR A 699 14.30 -38.59 7.60
N MET A 700 13.99 -39.15 8.77
CA MET A 700 13.31 -38.38 9.82
C MET A 700 13.88 -37.01 10.08
N PHE A 701 13.02 -36.00 10.21
CA PHE A 701 13.45 -34.65 10.50
C PHE A 701 12.69 -34.26 11.77
N GLN A 702 13.04 -33.14 12.40
CA GLN A 702 12.37 -32.72 13.63
C GLN A 702 11.65 -31.40 13.42
N ILE A 703 10.37 -31.36 13.78
CA ILE A 703 9.63 -30.12 13.67
C ILE A 703 9.94 -29.34 14.92
N TYR A 704 10.49 -28.14 14.76
CA TYR A 704 10.93 -27.40 15.93
C TYR A 704 10.61 -25.93 15.95
N ASN A 705 9.97 -25.47 17.02
CA ASN A 705 9.77 -24.05 17.19
C ASN A 705 10.39 -23.83 18.56
N LYS A 706 10.63 -22.57 18.95
CA LYS A 706 11.27 -22.30 20.23
C LYS A 706 10.43 -22.80 21.38
N ASP A 707 9.15 -23.02 21.15
CA ASP A 707 8.27 -23.50 22.18
C ASP A 707 8.28 -25.01 22.29
N PHE A 708 9.23 -25.67 21.62
CA PHE A 708 9.38 -27.12 21.71
C PHE A 708 10.62 -27.44 22.50
N SER A 709 11.18 -26.44 23.16
CA SER A 709 12.33 -26.68 23.99
C SER A 709 11.84 -27.08 25.36
N ASP A 710 12.70 -27.72 26.14
CA ASP A 710 12.34 -28.08 27.48
C ASP A 710 12.71 -26.91 28.35
N LYS A 711 13.56 -26.03 27.83
CA LYS A 711 13.96 -24.83 28.56
C LYS A 711 13.02 -23.68 28.27
N SER A 712 11.97 -23.94 27.51
CA SER A 712 10.99 -22.91 27.22
C SER A 712 10.15 -22.65 28.46
N HIS A 713 10.25 -21.43 28.99
CA HIS A 713 9.46 -21.07 30.19
CA HIS A 713 9.46 -21.07 30.19
C HIS A 713 7.92 -20.56 30.22
N GLY A 714 7.54 -20.04 29.05
CA GLY A 714 6.17 -19.51 29.02
C GLY A 714 5.20 -19.77 27.88
N THR A 715 4.32 -18.80 27.62
CA THR A 715 3.28 -18.95 26.59
C THR A 715 3.79 -19.25 25.19
N PRO A 716 3.27 -20.33 24.58
CA PRO A 716 3.69 -20.69 23.23
C PRO A 716 3.09 -19.78 22.19
N ASN A 717 3.68 -19.74 21.00
CA ASN A 717 3.13 -18.94 19.91
C ASN A 717 1.79 -19.51 19.45
N LEU A 718 1.00 -18.70 18.74
CA LEU A 718 -0.29 -19.17 18.24
C LEU A 718 -0.14 -20.25 17.17
N HIS A 719 0.83 -20.11 16.28
CA HIS A 719 1.05 -21.10 15.24
C HIS A 719 1.54 -22.35 15.88
N THR A 720 2.41 -22.24 16.87
CA THR A 720 2.87 -23.41 17.57
C THR A 720 1.66 -24.06 18.21
N MET A 721 0.78 -23.27 18.80
CA MET A 721 -0.41 -23.82 19.42
C MET A 721 -1.25 -24.52 18.38
N TYR A 722 -1.52 -23.87 17.26
CA TYR A 722 -2.30 -24.46 16.18
C TYR A 722 -1.70 -25.78 15.74
N PHE A 723 -0.39 -25.83 15.57
CA PHE A 723 0.28 -27.05 15.15
C PHE A 723 0.02 -28.18 16.09
N LYS A 724 0.20 -27.95 17.38
CA LYS A 724 -0.01 -29.01 18.35
C LYS A 724 -1.47 -29.35 18.40
N LEU A 725 -2.31 -28.38 18.08
CA LEU A 725 -3.74 -28.61 18.09
C LEU A 725 -4.23 -29.37 16.88
N LEU A 726 -3.46 -29.34 15.79
CA LEU A 726 -3.82 -30.13 14.62
C LEU A 726 -3.82 -31.54 15.09
N PHE A 727 -2.80 -31.90 15.85
CA PHE A 727 -2.67 -33.25 16.31
C PHE A 727 -3.18 -33.40 17.73
N ASP A 728 -4.17 -32.60 18.08
CA ASP A 728 -4.77 -32.69 19.41
C ASP A 728 -6.07 -33.42 19.27
N GLU A 729 -6.70 -33.71 20.40
CA GLU A 729 -7.99 -34.37 20.37
C GLU A 729 -9.06 -33.32 20.34
N ASN A 730 -8.70 -32.10 20.71
CA ASN A 730 -9.68 -31.02 20.78
C ASN A 730 -10.11 -30.59 19.40
N ASN A 731 -9.17 -30.52 18.47
CA ASN A 731 -9.53 -30.16 17.12
C ASN A 731 -10.49 -31.19 16.60
N HIS A 732 -11.72 -30.75 16.32
CA HIS A 732 -12.71 -31.67 15.82
C HIS A 732 -13.13 -31.24 14.45
N GLY A 733 -12.25 -30.53 13.76
CA GLY A 733 -12.54 -30.14 12.40
C GLY A 733 -12.37 -28.65 12.13
N GLN A 734 -11.56 -28.00 12.94
CA GLN A 734 -11.35 -26.57 12.77
C GLN A 734 -10.08 -26.40 11.99
N ILE A 735 -8.95 -26.36 12.66
CA ILE A 735 -7.69 -26.29 11.96
C ILE A 735 -7.39 -27.71 11.52
N ARG A 736 -7.61 -28.00 10.26
CA ARG A 736 -7.28 -29.33 9.75
C ARG A 736 -6.14 -29.18 8.77
N LEU A 737 -5.74 -30.29 8.17
CA LEU A 737 -4.62 -30.25 7.24
C LEU A 737 -5.10 -29.82 5.86
N SER A 738 -4.26 -29.11 5.12
CA SER A 738 -4.62 -28.68 3.78
C SER A 738 -3.85 -29.49 2.77
N GLY A 739 -2.77 -30.09 3.20
CA GLY A 739 -1.99 -30.92 2.31
C GLY A 739 -0.97 -30.19 1.47
N GLY A 740 0.22 -30.75 1.39
CA GLY A 740 1.23 -30.15 0.54
C GLY A 740 2.37 -29.47 1.26
N ALA A 741 2.84 -30.05 2.36
CA ALA A 741 3.93 -29.46 3.08
C ALA A 741 5.09 -29.19 2.17
N GLU A 742 5.52 -27.95 2.12
CA GLU A 742 6.62 -27.61 1.26
C GLU A 742 7.91 -27.61 2.04
N LEU A 743 8.60 -28.74 2.07
CA LEU A 743 9.89 -28.78 2.72
C LEU A 743 10.88 -28.11 1.82
N PHE A 744 11.52 -27.08 2.33
CA PHE A 744 12.48 -26.36 1.57
C PHE A 744 13.75 -26.61 2.28
N MET A 745 14.75 -25.80 1.98
CA MET A 745 16.00 -25.93 2.67
C MET A 745 16.68 -24.60 2.67
N ARG A 746 16.72 -23.97 3.83
CA ARG A 746 17.45 -22.73 3.90
C ARG A 746 18.86 -23.01 4.38
N ARG A 747 19.84 -22.63 3.59
CA ARG A 747 21.21 -22.88 3.96
C ARG A 747 21.72 -21.84 4.95
N ALA A 748 23.00 -21.95 5.30
CA ALA A 748 23.58 -20.99 6.22
C ALA A 748 23.94 -19.74 5.47
N SER A 749 23.43 -18.61 5.94
CA SER A 749 23.77 -17.35 5.31
C SER A 749 24.87 -16.71 6.12
N LEU A 750 24.94 -17.08 7.40
CA LEU A 750 25.96 -16.53 8.26
C LEU A 750 26.78 -17.67 8.81
N LYS A 751 27.79 -17.35 9.61
CA LYS A 751 28.65 -18.37 10.19
C LYS A 751 28.81 -18.05 11.66
N LYS A 752 28.79 -19.05 12.53
CA LYS A 752 28.90 -18.83 13.97
C LYS A 752 30.06 -17.95 14.36
N GLU A 753 31.19 -18.06 13.66
CA GLU A 753 32.36 -17.27 14.00
C GLU A 753 32.24 -15.76 13.76
N GLU A 754 31.36 -15.34 12.86
CA GLU A 754 31.19 -13.92 12.62
C GLU A 754 29.89 -13.37 13.20
N LEU A 755 29.41 -13.96 14.29
CA LEU A 755 28.20 -13.47 14.93
C LEU A 755 28.57 -12.65 16.17
N VAL A 756 27.66 -11.77 16.61
CA VAL A 756 27.92 -10.95 17.79
C VAL A 756 27.64 -11.73 19.05
N VAL A 757 28.69 -12.03 19.82
CA VAL A 757 28.50 -12.84 21.01
C VAL A 757 28.40 -12.04 22.30
N HIS A 758 27.67 -12.58 23.27
CA HIS A 758 27.58 -11.93 24.57
C HIS A 758 28.21 -12.92 25.50
N PRO A 759 29.55 -12.88 25.61
CA PRO A 759 30.31 -13.84 26.42
C PRO A 759 29.72 -14.28 27.73
N ALA A 760 29.94 -15.53 28.07
CA ALA A 760 29.41 -16.09 29.31
C ALA A 760 29.85 -15.37 30.56
N ASN A 761 29.01 -15.39 31.59
CA ASN A 761 29.34 -14.77 32.87
C ASN A 761 29.76 -13.31 32.80
N SER A 762 29.21 -12.57 31.84
CA SER A 762 29.49 -11.14 31.75
C SER A 762 28.13 -10.47 31.83
N PRO A 763 28.00 -9.42 32.66
CA PRO A 763 26.72 -8.72 32.83
C PRO A 763 26.14 -8.21 31.52
N ILE A 764 24.92 -8.64 31.19
CA ILE A 764 24.33 -8.23 29.94
C ILE A 764 23.35 -7.09 30.11
N ALA A 765 23.74 -5.90 29.66
CA ALA A 765 22.91 -4.71 29.80
C ALA A 765 21.53 -4.82 29.20
N ASN A 766 20.53 -4.43 29.98
CA ASN A 766 19.17 -4.48 29.49
C ASN A 766 18.82 -3.13 28.84
N LYS A 767 18.07 -3.16 27.74
CA LYS A 767 17.79 -1.92 26.99
C LYS A 767 16.39 -1.33 27.05
N ASN A 768 15.53 -1.85 27.92
CA ASN A 768 14.21 -1.28 28.09
C ASN A 768 14.33 -0.28 29.21
N PRO A 769 14.06 1.01 28.93
CA PRO A 769 14.18 2.05 29.95
C PRO A 769 13.35 1.70 31.16
N ASP A 770 12.19 1.09 30.94
CA ASP A 770 11.32 0.76 32.04
C ASP A 770 11.57 -0.65 32.54
N ASN A 771 12.83 -1.09 32.55
CA ASN A 771 13.15 -2.38 33.13
C ASN A 771 13.84 -2.15 34.46
N PRO A 772 13.17 -2.50 35.56
CA PRO A 772 13.77 -2.34 36.89
C PRO A 772 15.01 -3.22 37.03
N LYS A 773 14.94 -4.45 36.56
CA LYS A 773 16.08 -5.36 36.64
C LYS A 773 17.05 -5.16 35.51
N LYS A 774 17.72 -4.02 35.45
CA LYS A 774 18.71 -3.81 34.43
C LYS A 774 19.84 -4.79 34.64
N THR A 775 20.50 -5.21 33.56
CA THR A 775 21.58 -6.21 33.62
C THR A 775 21.11 -7.64 33.91
N THR A 776 21.76 -8.62 33.31
CA THR A 776 21.30 -9.98 33.47
C THR A 776 22.39 -11.01 33.81
N THR A 777 23.59 -10.88 33.24
CA THR A 777 24.70 -11.82 33.49
C THR A 777 24.34 -13.27 33.24
N LEU A 778 24.40 -13.70 31.99
CA LEU A 778 24.00 -15.07 31.67
C LEU A 778 25.13 -16.05 31.82
N SER A 779 24.79 -17.30 32.13
CA SER A 779 25.80 -18.34 32.29
C SER A 779 26.42 -18.78 30.98
N TYR A 780 25.85 -18.37 29.86
CA TYR A 780 26.32 -18.80 28.55
C TYR A 780 26.49 -17.64 27.61
N ASP A 781 26.82 -17.95 26.37
CA ASP A 781 26.97 -16.91 25.38
C ASP A 781 25.69 -16.81 24.57
N VAL A 782 25.43 -15.64 23.98
CA VAL A 782 24.28 -15.49 23.11
C VAL A 782 24.73 -14.86 21.81
N TYR A 783 24.52 -15.54 20.69
CA TYR A 783 24.97 -15.04 19.39
C TYR A 783 23.89 -14.29 18.66
N LYS A 784 24.29 -13.39 17.77
CA LYS A 784 23.30 -12.69 16.97
C LYS A 784 22.89 -13.55 15.80
N ASP A 785 21.63 -13.99 15.74
CA ASP A 785 21.12 -14.79 14.62
C ASP A 785 21.84 -16.11 14.40
N LYS A 786 21.71 -17.02 15.35
CA LYS A 786 22.35 -18.32 15.21
C LYS A 786 21.57 -19.29 14.31
N ARG A 787 20.28 -19.04 14.12
CA ARG A 787 19.47 -19.88 13.25
C ARG A 787 19.82 -19.67 11.78
N PHE A 788 20.33 -18.49 11.46
CA PHE A 788 20.69 -18.19 10.09
C PHE A 788 22.16 -18.48 9.87
N SER A 789 22.82 -19.02 10.89
CA SER A 789 24.23 -19.40 10.75
C SER A 789 24.31 -20.91 10.60
N GLU A 790 23.17 -21.57 10.63
CA GLU A 790 23.14 -23.01 10.44
C GLU A 790 22.16 -23.29 9.32
N ASP A 791 22.01 -24.57 8.96
CA ASP A 791 21.10 -24.94 7.88
C ASP A 791 19.77 -25.34 8.47
N GLN A 792 18.72 -24.68 8.02
CA GLN A 792 17.39 -25.04 8.48
C GLN A 792 16.66 -25.75 7.38
N TYR A 793 15.68 -26.55 7.75
CA TYR A 793 14.89 -27.22 6.75
C TYR A 793 13.46 -26.77 6.93
N GLU A 794 13.13 -25.60 6.40
CA GLU A 794 11.79 -25.05 6.56
C GLU A 794 10.62 -25.92 6.11
N LEU A 795 9.82 -26.40 7.05
CA LEU A 795 8.64 -27.16 6.71
C LEU A 795 7.42 -26.26 6.77
N HIS A 796 6.91 -25.84 5.61
CA HIS A 796 5.78 -24.92 5.59
C HIS A 796 4.51 -25.72 5.50
N ILE A 797 3.97 -26.16 6.63
CA ILE A 797 2.79 -27.02 6.64
C ILE A 797 1.51 -26.26 6.40
N PRO A 798 0.81 -26.55 5.28
CA PRO A 798 -0.46 -25.89 5.01
C PRO A 798 -1.56 -26.45 5.87
N ILE A 799 -2.34 -25.56 6.46
CA ILE A 799 -3.42 -25.99 7.31
C ILE A 799 -4.62 -25.16 6.89
N ALA A 800 -5.81 -25.55 7.30
CA ALA A 800 -6.99 -24.84 6.83
C ALA A 800 -7.99 -24.64 7.92
N ILE A 801 -8.25 -23.39 8.28
CA ILE A 801 -9.17 -23.14 9.37
C ILE A 801 -10.60 -23.05 8.93
N ASN A 802 -11.49 -23.71 9.65
CA ASN A 802 -12.92 -23.74 9.31
C ASN A 802 -13.22 -24.02 7.84
N LYS A 803 -12.98 -25.25 7.41
CA LYS A 803 -13.28 -25.65 6.05
C LYS A 803 -14.71 -26.13 6.01
N CYS A 804 -15.30 -26.38 7.18
CA CYS A 804 -16.69 -26.78 7.23
C CYS A 804 -17.48 -25.77 8.07
N PRO A 805 -17.79 -24.59 7.50
CA PRO A 805 -18.44 -23.58 8.32
C PRO A 805 -19.90 -23.89 8.58
N LYS A 806 -20.32 -23.74 9.82
CA LYS A 806 -21.73 -23.96 10.14
C LYS A 806 -22.51 -22.65 10.10
N ASN A 807 -22.07 -21.66 10.86
CA ASN A 807 -22.79 -20.40 10.95
C ASN A 807 -22.34 -19.40 9.90
N ILE A 808 -22.74 -19.62 8.65
CA ILE A 808 -22.36 -18.72 7.57
C ILE A 808 -23.41 -17.65 7.34
N PHE A 809 -23.08 -16.39 7.59
CA PHE A 809 -24.01 -15.29 7.29
C PHE A 809 -23.25 -14.08 6.77
N LYS A 810 -23.96 -13.13 6.18
CA LYS A 810 -23.30 -11.91 5.74
C LYS A 810 -22.93 -11.18 6.99
N ILE A 811 -21.67 -10.80 7.13
CA ILE A 811 -21.25 -10.20 8.40
C ILE A 811 -21.82 -8.79 8.64
N ASN A 812 -21.76 -7.90 7.64
CA ASN A 812 -22.21 -6.54 7.85
C ASN A 812 -23.62 -6.48 8.37
N THR A 813 -24.56 -7.09 7.66
CA THR A 813 -25.96 -7.05 8.07
C THR A 813 -26.19 -7.62 9.47
N GLU A 814 -25.42 -8.63 9.87
CA GLU A 814 -25.60 -9.20 11.20
C GLU A 814 -25.06 -8.25 12.23
N VAL A 815 -23.98 -7.54 11.92
CA VAL A 815 -23.47 -6.52 12.84
C VAL A 815 -24.57 -5.48 13.03
N ARG A 816 -25.15 -4.99 11.94
CA ARG A 816 -26.18 -3.97 12.02
C ARG A 816 -27.33 -4.37 12.90
N VAL A 817 -27.77 -5.61 12.78
CA VAL A 817 -28.88 -6.11 13.60
C VAL A 817 -28.48 -6.12 15.06
N LEU A 818 -27.28 -6.59 15.35
CA LEU A 818 -26.80 -6.63 16.72
C LEU A 818 -26.66 -5.23 17.29
N LEU A 819 -26.21 -4.28 16.49
CA LEU A 819 -26.09 -2.89 16.92
C LEU A 819 -27.42 -2.18 16.74
N LYS A 820 -28.48 -2.69 17.33
CA LYS A 820 -29.79 -2.09 17.20
C LYS A 820 -30.61 -2.66 18.33
N HIS A 821 -30.45 -3.94 18.57
CA HIS A 821 -31.19 -4.58 19.63
C HIS A 821 -30.49 -4.42 20.95
N ASP A 822 -29.24 -3.98 20.91
CA ASP A 822 -28.51 -3.74 22.16
C ASP A 822 -28.93 -2.45 22.87
N ASP A 823 -28.97 -2.50 24.19
CA ASP A 823 -29.31 -1.31 24.94
C ASP A 823 -28.09 -0.42 25.07
N ASN A 824 -26.91 -1.03 25.17
CA ASN A 824 -25.69 -0.26 25.32
C ASN A 824 -24.62 -0.67 24.32
N PRO A 825 -24.63 -0.05 23.13
CA PRO A 825 -23.56 -0.33 22.18
C PRO A 825 -22.24 0.38 22.49
N TYR A 826 -21.29 -0.35 23.06
CA TYR A 826 -19.99 0.23 23.35
C TYR A 826 -19.26 0.31 22.05
N VAL A 827 -18.47 1.35 21.86
CA VAL A 827 -17.68 1.47 20.66
C VAL A 827 -16.25 1.67 21.10
N ILE A 828 -15.35 0.81 20.66
CA ILE A 828 -13.96 0.89 21.10
C ILE A 828 -13.37 2.25 20.79
N GLY A 829 -13.60 2.77 19.58
CA GLY A 829 -13.15 4.11 19.27
C GLY A 829 -11.66 4.28 19.21
N ILE A 830 -11.10 4.14 18.02
CA ILE A 830 -9.66 4.23 17.89
C ILE A 830 -9.24 5.35 16.98
N ASP A 831 -8.49 6.29 17.52
CA ASP A 831 -7.98 7.34 16.70
C ASP A 831 -6.51 7.28 16.90
N ARG A 832 -5.75 7.95 16.06
CA ARG A 832 -4.32 7.98 16.21
C ARG A 832 -3.95 8.97 17.30
N GLY A 833 -3.49 10.13 16.89
CA GLY A 833 -3.12 11.14 17.86
C GLY A 833 -1.66 11.48 17.82
N GLU A 834 -1.29 12.57 18.45
CA GLU A 834 0.10 12.98 18.46
C GLU A 834 0.74 12.54 19.76
N ARG A 835 0.01 12.69 20.85
CA ARG A 835 0.54 12.32 22.14
C ARG A 835 0.40 10.85 22.42
N ASN A 836 -0.68 10.23 21.97
CA ASN A 836 -0.78 8.80 22.11
C ASN A 836 -0.75 8.19 20.74
N LEU A 837 -0.24 6.98 20.62
CA LEU A 837 -0.10 6.37 19.31
C LEU A 837 -1.42 5.92 18.80
N LEU A 838 -2.16 5.20 19.62
CA LEU A 838 -3.45 4.70 19.20
C LEU A 838 -4.36 4.87 20.39
N TYR A 839 -4.79 6.10 20.65
CA TYR A 839 -5.65 6.37 21.79
C TYR A 839 -6.97 5.65 21.68
N ILE A 840 -7.33 4.91 22.71
CA ILE A 840 -8.56 4.17 22.68
C ILE A 840 -9.54 4.78 23.66
N VAL A 841 -10.68 5.26 23.16
CA VAL A 841 -11.71 5.77 24.06
C VAL A 841 -12.96 4.94 23.93
N VAL A 842 -13.09 3.97 24.82
CA VAL A 842 -14.30 3.19 24.83
C VAL A 842 -15.40 4.12 25.27
N VAL A 843 -16.49 4.15 24.52
CA VAL A 843 -17.60 5.03 24.84
C VAL A 843 -18.80 4.10 24.88
N ASP A 844 -19.78 4.35 25.74
CA ASP A 844 -20.89 3.41 25.80
C ASP A 844 -22.01 3.75 24.85
N GLY A 845 -23.21 3.28 25.14
CA GLY A 845 -24.33 3.54 24.25
C GLY A 845 -24.97 4.90 24.43
N LYS A 846 -24.42 5.72 25.32
CA LYS A 846 -24.97 7.04 25.60
C LYS A 846 -23.89 8.06 25.42
N GLY A 847 -22.70 7.62 25.03
CA GLY A 847 -21.63 8.55 24.77
C GLY A 847 -20.83 8.93 25.99
N ASN A 848 -20.87 8.09 27.02
CA ASN A 848 -20.09 8.35 28.21
C ASN A 848 -18.78 7.60 28.15
N ILE A 849 -17.67 8.32 28.29
CA ILE A 849 -16.37 7.69 28.28
C ILE A 849 -16.24 6.64 29.36
N VAL A 850 -16.00 5.40 28.98
CA VAL A 850 -15.79 4.34 29.96
C VAL A 850 -14.32 4.25 30.25
N GLU A 851 -13.51 4.37 29.21
CA GLU A 851 -12.06 4.29 29.37
C GLU A 851 -11.42 5.18 28.39
N GLN A 852 -10.27 5.72 28.73
CA GLN A 852 -9.52 6.53 27.80
C GLN A 852 -8.03 6.33 28.02
N TYR A 853 -7.50 5.18 27.62
CA TYR A 853 -6.07 5.02 27.76
C TYR A 853 -5.29 5.03 26.47
N SER A 854 -4.17 5.73 26.48
CA SER A 854 -3.32 5.75 25.32
C SER A 854 -2.63 4.42 25.25
N LEU A 855 -2.56 3.84 24.07
CA LEU A 855 -1.84 2.59 23.91
C LEU A 855 -0.45 2.91 23.42
N ASN A 856 0.27 3.75 24.15
CA ASN A 856 1.63 4.06 23.80
C ASN A 856 2.51 3.09 24.56
N GLU A 857 1.98 2.52 25.62
CA GLU A 857 2.72 1.57 26.42
C GLU A 857 2.10 0.20 26.34
N ILE A 858 2.91 -0.81 26.03
CA ILE A 858 2.38 -2.16 26.02
C ILE A 858 2.88 -2.88 27.25
N ILE A 859 1.99 -3.09 28.20
CA ILE A 859 2.37 -3.73 29.44
C ILE A 859 2.42 -5.24 29.28
N ASN A 860 3.55 -5.76 28.81
CA ASN A 860 3.70 -7.18 28.61
C ASN A 860 3.64 -7.90 29.93
N ASN A 861 2.68 -8.80 30.07
CA ASN A 861 2.55 -9.57 31.29
C ASN A 861 3.13 -10.95 31.13
N PHE A 862 4.23 -11.23 31.82
CA PHE A 862 4.81 -12.56 31.75
C PHE A 862 4.37 -13.42 32.91
N ASN A 863 5.24 -13.60 33.90
CA ASN A 863 4.93 -14.47 35.02
C ASN A 863 4.29 -13.68 36.14
N GLY A 864 3.24 -12.92 35.82
CA GLY A 864 2.61 -12.08 36.83
C GLY A 864 3.19 -10.69 36.82
N ILE A 865 4.45 -10.55 36.43
CA ILE A 865 5.09 -9.24 36.44
C ILE A 865 4.82 -8.53 35.12
N ARG A 866 4.35 -7.29 35.20
CA ARG A 866 3.99 -6.56 34.02
C ARG A 866 5.02 -5.50 33.66
N ILE A 867 6.02 -5.87 32.88
CA ILE A 867 7.00 -4.89 32.48
C ILE A 867 6.48 -4.19 31.26
N LYS A 868 6.37 -2.87 31.35
CA LYS A 868 5.84 -2.10 30.25
C LYS A 868 6.91 -1.70 29.27
N THR A 869 6.52 -1.41 28.04
CA THR A 869 7.45 -0.96 27.05
C THR A 869 6.81 0.26 26.43
N ASP A 870 7.46 1.40 26.55
CA ASP A 870 6.92 2.61 25.93
C ASP A 870 7.25 2.58 24.47
N TYR A 871 6.33 2.05 23.67
CA TYR A 871 6.56 1.98 22.25
C TYR A 871 6.58 3.37 21.72
N HIS A 872 6.02 4.31 22.46
CA HIS A 872 6.03 5.70 22.05
C HIS A 872 7.41 6.27 22.29
N SER A 873 8.01 5.95 23.42
CA SER A 873 9.38 6.40 23.68
C SER A 873 10.35 5.63 22.79
N LEU A 874 10.04 4.38 22.46
CA LEU A 874 10.88 3.60 21.57
C LEU A 874 10.80 4.24 20.23
N LEU A 875 9.59 4.62 19.84
CA LEU A 875 9.41 5.28 18.56
C LEU A 875 10.20 6.56 18.57
N ASP A 876 10.18 7.28 19.68
CA ASP A 876 10.91 8.53 19.78
C ASP A 876 12.41 8.31 19.63
N LYS A 877 12.93 7.26 20.26
CA LYS A 877 14.35 6.96 20.16
C LYS A 877 14.70 6.51 18.77
N LYS A 878 13.80 5.75 18.13
CA LYS A 878 14.04 5.32 16.76
C LYS A 878 13.95 6.49 15.82
N GLU A 879 13.10 7.46 16.15
CA GLU A 879 12.97 8.65 15.33
C GLU A 879 14.13 9.59 15.59
N LYS A 880 14.83 9.39 16.71
CA LYS A 880 16.00 10.19 16.98
C LYS A 880 17.14 9.62 16.16
N GLU A 881 17.13 8.30 15.96
CA GLU A 881 18.15 7.71 15.09
C GLU A 881 17.85 8.20 13.69
N ARG A 882 16.56 8.29 13.35
CA ARG A 882 16.18 8.79 12.05
C ARG A 882 16.60 10.23 11.88
N PHE A 883 16.61 10.99 12.97
CA PHE A 883 16.99 12.39 12.89
C PHE A 883 18.39 12.54 12.30
N GLU A 884 19.33 11.69 12.75
CA GLU A 884 20.68 11.75 12.18
C GLU A 884 20.81 11.02 10.86
N ALA A 885 21.96 11.17 10.20
CA ALA A 885 22.19 10.52 8.90
C ALA A 885 20.94 10.55 8.03
N ARG A 886 20.44 11.74 7.70
CA ARG A 886 19.22 11.91 6.88
C ARG A 886 18.25 10.72 6.76
N GLN A 887 17.68 10.28 7.87
CA GLN A 887 16.77 9.12 7.85
C GLN A 887 17.21 7.99 6.93
N ASN A 888 18.35 7.37 7.23
CA ASN A 888 18.86 6.29 6.40
C ASN A 888 17.80 5.25 6.11
N TRP A 889 17.97 4.49 5.04
CA TRP A 889 16.97 3.50 4.65
C TRP A 889 16.64 2.55 5.77
N THR A 890 17.64 2.13 6.54
CA THR A 890 17.41 1.15 7.59
C THR A 890 16.67 1.73 8.77
N SER A 891 16.89 3.01 9.04
CA SER A 891 16.20 3.65 10.15
C SER A 891 14.71 3.71 9.87
N ILE A 892 14.34 4.02 8.63
CA ILE A 892 12.93 4.06 8.28
C ILE A 892 12.33 2.66 8.24
N GLU A 893 13.15 1.67 7.92
CA GLU A 893 12.66 0.30 7.90
C GLU A 893 12.46 -0.12 9.32
N ASN A 894 13.36 0.29 10.21
CA ASN A 894 13.24 -0.10 11.61
C ASN A 894 12.03 0.57 12.21
N ILE A 895 11.77 1.80 11.83
CA ILE A 895 10.59 2.49 12.32
C ILE A 895 9.36 1.76 11.79
N LYS A 896 9.34 1.45 10.50
CA LYS A 896 8.21 0.77 9.91
C LYS A 896 8.00 -0.61 10.49
N GLU A 897 9.08 -1.29 10.81
CA GLU A 897 8.99 -2.63 11.36
C GLU A 897 8.64 -2.59 12.83
N LEU A 898 9.09 -1.58 13.55
CA LEU A 898 8.71 -1.44 14.94
C LEU A 898 7.28 -1.02 15.00
N LYS A 899 6.83 -0.25 14.01
CA LYS A 899 5.45 0.17 13.96
C LYS A 899 4.59 -0.98 13.52
N ALA A 900 5.16 -1.92 12.77
CA ALA A 900 4.42 -3.11 12.36
C ALA A 900 4.42 -4.10 13.49
N GLY A 901 5.43 -4.04 14.34
CA GLY A 901 5.44 -4.91 15.49
C GLY A 901 4.58 -4.29 16.56
N TYR A 902 4.46 -2.97 16.53
CA TYR A 902 3.60 -2.29 17.47
C TYR A 902 2.24 -2.70 17.03
N ILE A 903 1.95 -2.55 15.74
CA ILE A 903 0.64 -2.90 15.19
C ILE A 903 0.24 -4.29 15.67
N SER A 904 1.17 -5.25 15.60
CA SER A 904 0.89 -6.59 16.08
C SER A 904 0.53 -6.56 17.56
N GLN A 905 1.09 -5.63 18.30
CA GLN A 905 0.79 -5.51 19.73
C GLN A 905 -0.53 -4.83 19.99
N VAL A 906 -0.85 -3.77 19.23
CA VAL A 906 -2.15 -3.17 19.42
C VAL A 906 -3.23 -4.10 18.92
N VAL A 907 -2.95 -4.90 17.90
CA VAL A 907 -3.92 -5.88 17.43
C VAL A 907 -4.34 -6.73 18.61
N HIS A 908 -3.39 -7.16 19.43
CA HIS A 908 -3.73 -7.93 20.63
C HIS A 908 -4.56 -7.14 21.63
N LYS A 909 -4.16 -5.91 21.91
CA LYS A 909 -4.86 -5.10 22.89
C LYS A 909 -6.25 -4.80 22.42
N ILE A 910 -6.39 -4.35 21.18
CA ILE A 910 -7.70 -4.09 20.62
C ILE A 910 -8.53 -5.36 20.66
N CYS A 911 -7.94 -6.50 20.34
CA CYS A 911 -8.68 -7.76 20.42
C CYS A 911 -9.26 -8.00 21.80
N GLU A 912 -8.49 -7.73 22.84
CA GLU A 912 -8.99 -7.89 24.21
C GLU A 912 -9.99 -6.81 24.57
N LEU A 913 -9.76 -5.57 24.11
CA LEU A 913 -10.72 -4.51 24.34
C LEU A 913 -12.05 -4.92 23.75
N VAL A 914 -12.03 -5.34 22.49
CA VAL A 914 -13.23 -5.76 21.81
C VAL A 914 -13.89 -6.91 22.57
N GLU A 915 -13.11 -7.84 23.07
CA GLU A 915 -13.65 -8.99 23.78
C GLU A 915 -14.31 -8.65 25.12
N LYS A 916 -13.69 -7.79 25.92
CA LYS A 916 -14.21 -7.48 27.25
C LYS A 916 -15.37 -6.51 27.26
N TYR A 917 -15.54 -5.76 26.18
CA TYR A 917 -16.58 -4.76 26.13
C TYR A 917 -17.60 -5.08 25.07
N ASP A 918 -17.39 -6.14 24.30
CA ASP A 918 -18.26 -6.48 23.17
C ASP A 918 -18.40 -5.22 22.38
N ALA A 919 -17.28 -4.69 21.91
CA ALA A 919 -17.35 -3.41 21.28
C ALA A 919 -16.94 -3.31 19.85
N VAL A 920 -17.78 -2.65 19.06
CA VAL A 920 -17.45 -2.45 17.68
C VAL A 920 -16.29 -1.49 17.61
N ILE A 921 -15.30 -1.81 16.82
CA ILE A 921 -14.21 -0.87 16.64
C ILE A 921 -14.84 0.26 15.89
N ALA A 922 -14.17 1.40 15.90
CA ALA A 922 -14.68 2.55 15.21
C ALA A 922 -13.52 3.18 14.53
N LEU A 923 -13.01 2.49 13.54
CA LEU A 923 -11.83 2.97 12.86
C LEU A 923 -12.23 3.97 11.82
N GLU A 924 -11.26 4.57 11.17
CA GLU A 924 -11.61 5.60 10.22
C GLU A 924 -11.60 5.10 8.80
N ASP A 925 -12.52 5.57 7.97
CA ASP A 925 -12.47 5.23 6.56
C ASP A 925 -11.25 5.96 6.10
N LEU A 926 -10.25 5.21 5.64
CA LEU A 926 -9.01 5.86 5.27
C LEU A 926 -8.99 6.29 3.81
N ASN A 927 -10.08 6.02 3.10
CA ASN A 927 -10.16 6.40 1.69
C ASN A 927 -10.83 7.75 1.55
N SER A 928 -11.17 8.40 2.65
CA SER A 928 -11.77 9.73 2.60
C SER A 928 -10.77 10.81 2.96
N GLY A 929 -10.98 11.47 4.09
CA GLY A 929 -10.12 12.58 4.49
C GLY A 929 -8.79 12.17 5.09
N PHE A 930 -7.99 13.14 5.51
CA PHE A 930 -6.66 12.80 5.99
C PHE A 930 -6.19 13.39 7.30
N LYS A 931 -5.85 12.52 8.25
CA LYS A 931 -5.27 13.00 9.51
C LYS A 931 -3.81 13.07 9.20
N ASN A 932 -3.19 14.22 9.39
CA ASN A 932 -1.79 14.37 9.02
C ASN A 932 -0.98 14.80 10.21
N SER A 933 -1.65 15.42 11.17
CA SER A 933 -0.97 15.88 12.37
C SER A 933 -0.39 14.72 13.15
N ARG A 934 -1.10 13.59 13.19
CA ARG A 934 -0.66 12.44 13.95
C ARG A 934 0.78 12.09 13.72
N VAL A 935 1.61 12.21 14.76
CA VAL A 935 3.00 11.78 14.65
C VAL A 935 3.00 10.37 15.19
N LYS A 936 2.17 9.52 14.60
CA LYS A 936 2.05 8.17 15.11
C LYS A 936 1.81 7.24 13.97
N VAL A 937 0.86 6.33 14.15
CA VAL A 937 0.55 5.36 13.13
C VAL A 937 0.10 6.09 11.88
N GLU A 938 0.79 5.89 10.77
CA GLU A 938 0.45 6.60 9.53
C GLU A 938 -0.66 5.93 8.77
N LYS A 939 -1.02 6.48 7.63
CA LYS A 939 -2.10 5.92 6.82
C LYS A 939 -1.75 4.53 6.40
N GLN A 940 -0.57 4.36 5.80
CA GLN A 940 -0.13 3.05 5.36
C GLN A 940 -0.13 2.05 6.51
N VAL A 941 0.42 2.44 7.65
CA VAL A 941 0.48 1.55 8.80
C VAL A 941 -0.87 1.29 9.44
N TYR A 942 -1.81 2.22 9.30
CA TYR A 942 -3.15 2.05 9.85
C TYR A 942 -3.96 1.23 8.89
N GLN A 943 -3.60 1.27 7.62
CA GLN A 943 -4.29 0.45 6.64
C GLN A 943 -3.82 -0.94 6.89
N LYS A 944 -2.53 -1.10 7.20
CA LYS A 944 -2.03 -2.41 7.56
C LYS A 944 -2.63 -2.82 8.87
N PHE A 945 -2.85 -1.88 9.77
CA PHE A 945 -3.46 -2.18 11.06
C PHE A 945 -4.86 -2.71 10.85
N GLU A 946 -5.65 -2.04 10.01
CA GLU A 946 -7.02 -2.50 9.84
C GLU A 946 -7.08 -3.69 8.92
N LYS A 947 -6.05 -3.92 8.11
CA LYS A 947 -6.02 -5.12 7.31
C LYS A 947 -5.74 -6.25 8.27
N MET A 948 -4.77 -6.06 9.17
CA MET A 948 -4.42 -7.07 10.16
C MET A 948 -5.49 -7.23 11.21
N LEU A 949 -6.45 -6.31 11.24
CA LEU A 949 -7.55 -6.40 12.17
C LEU A 949 -8.64 -7.19 11.49
N ILE A 950 -8.74 -7.06 10.17
CA ILE A 950 -9.73 -7.86 9.43
C ILE A 950 -9.11 -9.15 8.96
N ASP A 951 -7.84 -9.37 9.26
CA ASP A 951 -7.21 -10.63 8.92
C ASP A 951 -7.17 -11.32 10.24
N LYS A 952 -6.95 -10.54 11.29
CA LYS A 952 -6.99 -11.13 12.59
C LYS A 952 -8.44 -11.37 12.85
N LEU A 953 -9.28 -10.39 12.59
CA LEU A 953 -10.70 -10.52 12.90
C LEU A 953 -11.37 -11.62 12.09
N ASN A 954 -10.59 -12.36 11.30
CA ASN A 954 -11.14 -13.51 10.57
C ASN A 954 -11.06 -14.65 11.53
N TYR A 955 -9.89 -14.86 12.14
CA TYR A 955 -9.78 -15.85 13.21
C TYR A 955 -9.12 -15.12 14.38
N MET A 956 -9.90 -14.33 15.12
CA MET A 956 -9.36 -13.53 16.22
C MET A 956 -9.05 -14.39 17.43
N VAL A 957 -7.77 -14.63 17.66
CA VAL A 957 -7.38 -15.53 18.75
C VAL A 957 -6.44 -14.93 19.79
N ASP A 958 -6.78 -15.05 21.07
CA ASP A 958 -5.86 -14.63 22.12
C ASP A 958 -5.14 -15.91 22.54
N LYS A 959 -3.82 -15.88 22.67
CA LYS A 959 -3.07 -17.06 23.02
C LYS A 959 -3.52 -17.69 24.31
N LYS A 960 -3.54 -16.92 25.38
CA LYS A 960 -3.85 -17.47 26.70
C LYS A 960 -5.16 -18.20 26.86
N SER A 961 -6.18 -17.80 26.11
CA SER A 961 -7.49 -18.40 26.28
C SER A 961 -7.46 -19.86 25.86
N ASN A 962 -8.18 -20.70 26.60
CA ASN A 962 -8.24 -22.12 26.29
C ASN A 962 -8.68 -22.34 24.87
N PRO A 963 -7.91 -23.14 24.11
CA PRO A 963 -8.23 -23.44 22.71
C PRO A 963 -9.71 -23.64 22.36
N CYS A 964 -10.43 -24.42 23.14
CA CYS A 964 -11.82 -24.72 22.79
C CYS A 964 -12.85 -23.76 23.36
N ALA A 965 -12.41 -22.66 23.95
CA ALA A 965 -13.34 -21.66 24.44
C ALA A 965 -13.38 -20.56 23.40
N THR A 966 -14.40 -19.72 23.43
CA THR A 966 -14.53 -18.71 22.39
C THR A 966 -13.42 -17.70 22.48
N GLY A 967 -12.71 -17.48 21.37
CA GLY A 967 -11.57 -16.58 21.39
C GLY A 967 -10.33 -17.42 21.51
N GLY A 968 -10.50 -18.72 21.71
CA GLY A 968 -9.39 -19.63 21.83
C GLY A 968 -8.82 -20.04 20.50
N ALA A 969 -7.80 -20.89 20.50
CA ALA A 969 -7.12 -21.27 19.26
C ALA A 969 -8.02 -21.70 18.13
N LEU A 970 -8.95 -22.59 18.41
CA LEU A 970 -9.84 -23.08 17.37
C LEU A 970 -11.25 -22.54 17.54
N LYS A 971 -11.37 -21.26 17.83
CA LYS A 971 -12.68 -20.62 17.97
C LYS A 971 -12.49 -19.15 17.79
N GLY A 972 -11.57 -18.79 16.91
CA GLY A 972 -11.30 -17.39 16.65
C GLY A 972 -12.49 -16.68 16.11
N TYR A 973 -12.77 -15.50 16.64
CA TYR A 973 -13.95 -14.77 16.23
C TYR A 973 -13.85 -14.34 14.79
N GLN A 974 -14.92 -14.58 14.04
CA GLN A 974 -14.96 -14.14 12.65
C GLN A 974 -15.79 -12.89 12.54
N ILE A 975 -15.55 -11.93 13.42
CA ILE A 975 -16.34 -10.71 13.45
C ILE A 975 -16.05 -9.75 12.32
N THR A 976 -14.99 -9.99 11.56
CA THR A 976 -14.72 -9.13 10.41
C THR A 976 -15.04 -9.80 9.09
N ASN A 977 -14.44 -9.33 8.00
CA ASN A 977 -14.80 -9.85 6.68
C ASN A 977 -13.77 -10.77 6.13
N LYS A 978 -13.06 -10.30 5.12
CA LYS A 978 -11.99 -11.05 4.52
C LYS A 978 -11.42 -9.98 3.68
N PHE A 979 -10.23 -9.51 3.99
CA PHE A 979 -9.65 -8.40 3.27
C PHE A 979 -9.81 -8.55 1.78
N GLU A 980 -10.54 -7.63 1.16
CA GLU A 980 -10.65 -7.65 -0.29
C GLU A 980 -9.59 -6.71 -0.82
N SER A 981 -9.83 -5.42 -0.71
CA SER A 981 -8.85 -4.44 -1.14
C SER A 981 -8.80 -3.35 -0.12
N PHE A 982 -7.88 -2.41 -0.30
CA PHE A 982 -7.78 -1.29 0.62
C PHE A 982 -8.91 -0.30 0.40
N LYS A 983 -9.62 -0.41 -0.72
CA LYS A 983 -10.72 0.49 -1.01
C LYS A 983 -12.03 -0.14 -0.62
N SER A 984 -11.99 -1.40 -0.19
CA SER A 984 -13.20 -2.06 0.29
C SER A 984 -13.32 -1.75 1.76
N MET A 985 -12.30 -1.11 2.31
CA MET A 985 -12.33 -0.72 3.70
C MET A 985 -12.93 0.67 3.78
N SER A 986 -14.23 0.78 3.51
CA SER A 986 -14.84 2.10 3.46
C SER A 986 -16.12 2.28 4.26
N THR A 987 -16.83 1.19 4.52
CA THR A 987 -18.10 1.30 5.22
C THR A 987 -18.11 0.50 6.49
N GLN A 988 -18.29 -0.80 6.35
CA GLN A 988 -18.24 -1.66 7.51
C GLN A 988 -17.69 -2.96 6.99
N ASN A 989 -16.80 -3.59 7.73
CA ASN A 989 -16.29 -4.89 7.35
C ASN A 989 -16.56 -5.78 8.52
N GLY A 990 -17.72 -5.63 9.15
CA GLY A 990 -18.05 -6.42 10.31
C GLY A 990 -18.03 -5.53 11.52
N PHE A 991 -17.27 -5.89 12.55
CA PHE A 991 -17.14 -5.05 13.75
C PHE A 991 -16.09 -3.99 13.55
N ILE A 992 -16.08 -3.35 12.40
CA ILE A 992 -15.10 -2.32 12.12
C ILE A 992 -15.74 -1.28 11.22
N PHE A 993 -16.50 -0.39 11.85
CA PHE A 993 -17.16 0.64 11.10
C PHE A 993 -16.12 1.63 10.70
N TYR A 994 -16.01 1.87 9.41
CA TYR A 994 -15.07 2.85 8.93
C TYR A 994 -15.84 4.13 8.78
N ILE A 995 -15.66 5.05 9.72
CA ILE A 995 -16.42 6.30 9.69
C ILE A 995 -15.52 7.44 9.29
N PRO A 996 -16.05 8.37 8.49
CA PRO A 996 -15.26 9.54 8.14
C PRO A 996 -14.79 10.27 9.39
N ALA A 997 -13.54 10.70 9.42
CA ALA A 997 -13.03 11.36 10.61
C ALA A 997 -13.22 12.85 10.55
N TRP A 998 -14.42 13.31 10.22
CA TRP A 998 -14.63 14.72 10.05
C TRP A 998 -15.04 15.35 11.34
N LEU A 999 -14.32 16.40 11.76
CA LEU A 999 -14.67 17.12 12.99
C LEU A 999 -15.03 16.24 14.17
N THR A 1000 -14.14 15.33 14.53
CA THR A 1000 -14.37 14.43 15.65
C THR A 1000 -13.38 14.80 16.72
N SER A 1001 -12.37 15.58 16.34
CA SER A 1001 -11.33 15.93 17.28
C SER A 1001 -11.37 17.39 17.67
N LYS A 1002 -11.83 18.24 16.75
CA LYS A 1002 -11.91 19.66 17.04
C LYS A 1002 -13.35 20.05 17.29
N ILE A 1003 -14.00 19.34 18.22
CA ILE A 1003 -15.36 19.63 18.55
C ILE A 1003 -15.39 19.66 20.06
N ASP A 1004 -16.21 20.51 20.67
CA ASP A 1004 -16.31 20.47 22.11
C ASP A 1004 -17.14 19.28 22.52
N PRO A 1005 -16.61 18.45 23.39
CA PRO A 1005 -17.34 17.25 23.80
C PRO A 1005 -18.45 17.54 24.79
N SER A 1006 -18.54 18.77 25.29
CA SER A 1006 -19.54 19.10 26.30
C SER A 1006 -20.74 19.80 25.70
N THR A 1007 -20.50 20.84 24.92
CA THR A 1007 -21.59 21.55 24.27
C THR A 1007 -21.85 20.91 22.91
N GLY A 1008 -20.87 20.98 22.01
CA GLY A 1008 -21.01 20.38 20.70
C GLY A 1008 -20.46 21.35 19.71
N PHE A 1009 -20.09 22.52 20.20
CA PHE A 1009 -19.61 23.55 19.31
C PHE A 1009 -18.50 23.11 18.40
N VAL A 1010 -18.67 23.33 17.11
CA VAL A 1010 -17.59 23.05 16.19
C VAL A 1010 -17.41 24.38 15.53
N ASN A 1011 -16.17 24.76 15.27
CA ASN A 1011 -15.94 25.99 14.55
C ASN A 1011 -16.30 25.68 13.12
N LEU A 1012 -17.49 26.11 12.69
CA LEU A 1012 -17.91 25.88 11.33
C LEU A 1012 -17.73 27.18 10.59
N LEU A 1013 -17.09 28.14 11.25
CA LEU A 1013 -16.87 29.43 10.63
C LEU A 1013 -15.41 29.76 10.41
N LYS A 1014 -15.07 30.07 9.16
CA LYS A 1014 -13.71 30.43 8.85
C LYS A 1014 -13.41 31.76 9.48
N THR A 1015 -12.50 31.76 10.44
CA THR A 1015 -12.15 32.99 11.15
C THR A 1015 -10.79 33.48 10.71
N LYS A 1016 -10.61 33.65 9.41
CA LYS A 1016 -9.34 34.15 8.89
C LYS A 1016 -9.52 35.54 8.32
N TYR A 1017 -8.78 36.50 8.85
CA TYR A 1017 -8.90 37.88 8.37
C TYR A 1017 -8.61 37.98 6.90
N THR A 1018 -9.61 38.35 6.11
CA THR A 1018 -9.40 38.54 4.70
C THR A 1018 -9.34 40.02 4.51
N SER A 1019 -10.46 40.68 4.74
CA SER A 1019 -10.50 42.13 4.62
C SER A 1019 -11.30 42.71 5.77
N ILE A 1020 -11.24 44.01 5.92
CA ILE A 1020 -11.99 44.69 6.97
C ILE A 1020 -13.46 44.35 6.87
N ALA A 1021 -14.01 44.45 5.66
CA ALA A 1021 -15.43 44.17 5.46
C ALA A 1021 -15.82 42.75 5.81
N ASP A 1022 -14.95 41.79 5.52
CA ASP A 1022 -15.25 40.39 5.81
C ASP A 1022 -15.45 40.22 7.28
N SER A 1023 -14.55 40.79 8.07
CA SER A 1023 -14.65 40.66 9.51
C SER A 1023 -15.75 41.53 10.08
N LYS A 1024 -16.09 42.61 9.40
CA LYS A 1024 -17.19 43.46 9.85
C LYS A 1024 -18.47 42.70 9.70
N LYS A 1025 -18.61 41.98 8.58
CA LYS A 1025 -19.80 41.17 8.37
C LYS A 1025 -19.78 40.03 9.35
N PHE A 1026 -18.58 39.59 9.71
CA PHE A 1026 -18.45 38.54 10.71
C PHE A 1026 -18.90 39.16 12.00
N ILE A 1027 -18.24 40.24 12.41
CA ILE A 1027 -18.62 40.95 13.62
C ILE A 1027 -20.08 41.33 13.57
N SER A 1028 -20.55 41.79 12.43
CA SER A 1028 -21.95 42.20 12.29
C SER A 1028 -22.96 41.07 12.40
N SER A 1029 -22.57 39.86 11.99
CA SER A 1029 -23.50 38.73 12.02
C SER A 1029 -23.64 38.17 13.40
N PHE A 1030 -22.83 38.66 14.33
CA PHE A 1030 -23.00 38.23 15.70
C PHE A 1030 -24.28 38.87 16.20
N ASP A 1031 -25.06 38.12 16.97
CA ASP A 1031 -26.27 38.68 17.55
C ASP A 1031 -25.96 39.79 18.53
N ARG A 1032 -24.94 39.61 19.38
CA ARG A 1032 -24.59 40.62 20.37
C ARG A 1032 -23.20 40.44 20.94
N ILE A 1033 -22.31 41.39 20.69
CA ILE A 1033 -20.99 41.31 21.31
C ILE A 1033 -20.90 42.30 22.46
N MET A 1034 -20.94 41.79 23.69
CA MET A 1034 -20.85 42.64 24.84
C MET A 1034 -19.68 42.23 25.70
N TYR A 1035 -19.14 43.17 26.46
CA TYR A 1035 -18.10 42.78 27.38
C TYR A 1035 -18.87 42.55 28.65
N VAL A 1036 -18.75 41.37 29.23
CA VAL A 1036 -19.39 41.12 30.49
C VAL A 1036 -18.30 41.37 31.52
N PRO A 1037 -18.36 42.50 32.23
CA PRO A 1037 -17.29 42.81 33.15
C PRO A 1037 -17.42 41.97 34.41
N GLU A 1038 -18.65 41.61 34.78
CA GLU A 1038 -18.84 40.73 35.91
C GLU A 1038 -17.69 39.73 35.90
N GLU A 1039 -17.87 38.62 35.21
CA GLU A 1039 -16.80 37.63 35.09
C GLU A 1039 -15.94 37.99 33.90
N ASP A 1040 -15.15 39.05 34.03
CA ASP A 1040 -14.28 39.49 32.95
C ASP A 1040 -14.38 38.52 31.79
N LEU A 1041 -15.34 38.75 30.90
CA LEU A 1041 -15.50 37.88 29.74
C LEU A 1041 -15.96 38.72 28.58
N PHE A 1042 -15.86 38.19 27.37
CA PHE A 1042 -16.36 38.91 26.23
C PHE A 1042 -17.31 38.00 25.51
N GLU A 1043 -18.60 38.13 25.76
CA GLU A 1043 -19.61 37.27 25.14
C GLU A 1043 -19.84 37.64 23.69
N PHE A 1044 -19.78 36.66 22.80
CA PHE A 1044 -19.99 36.90 21.39
C PHE A 1044 -21.20 36.09 20.96
N ALA A 1045 -22.40 36.51 21.32
CA ALA A 1045 -23.61 35.82 20.89
C ALA A 1045 -23.61 35.79 19.39
N LEU A 1046 -23.86 34.64 18.79
CA LEU A 1046 -23.72 34.51 17.33
C LEU A 1046 -24.88 33.78 16.71
N ASP A 1047 -25.16 34.05 15.44
CA ASP A 1047 -26.18 33.29 14.76
C ASP A 1047 -25.51 32.44 13.71
N TYR A 1048 -25.52 31.12 13.89
CA TYR A 1048 -24.93 30.22 12.92
C TYR A 1048 -25.92 29.93 11.80
N LYS A 1049 -27.03 30.65 11.76
CA LYS A 1049 -27.96 30.50 10.66
C LYS A 1049 -27.75 31.72 9.79
N ASN A 1050 -26.92 32.65 10.26
CA ASN A 1050 -26.65 33.86 9.52
C ASN A 1050 -25.21 33.88 9.07
N PHE A 1051 -24.71 32.74 8.63
CA PHE A 1051 -23.32 32.67 8.23
C PHE A 1051 -23.11 31.84 6.96
N SER A 1052 -21.86 31.54 6.61
CA SER A 1052 -21.57 30.79 5.38
C SER A 1052 -21.09 29.36 5.63
N ARG A 1053 -21.48 28.42 4.77
CA ARG A 1053 -21.12 27.00 4.94
C ARG A 1053 -21.35 26.56 6.36
N THR A 1054 -22.55 26.75 6.86
CA THR A 1054 -22.81 26.46 8.24
C THR A 1054 -24.14 25.75 8.35
N ASP A 1055 -24.61 25.20 7.23
CA ASP A 1055 -25.88 24.49 7.22
C ASP A 1055 -25.75 23.25 8.08
N ALA A 1056 -24.52 22.79 8.27
CA ALA A 1056 -24.26 21.63 9.10
C ALA A 1056 -24.72 21.76 10.56
N ASP A 1057 -24.72 22.96 11.13
CA ASP A 1057 -25.07 23.14 12.54
C ASP A 1057 -26.50 22.84 12.91
N TYR A 1058 -26.81 22.88 14.20
CA TYR A 1058 -28.14 22.55 14.64
C TYR A 1058 -28.68 23.60 15.58
N ILE A 1059 -27.90 23.98 16.59
CA ILE A 1059 -28.36 24.95 17.58
C ILE A 1059 -28.39 26.30 16.91
N LYS A 1060 -27.40 26.60 16.09
CA LYS A 1060 -27.33 27.86 15.35
C LYS A 1060 -27.31 29.14 16.19
N LYS A 1061 -27.11 29.02 17.49
CA LYS A 1061 -27.09 30.18 18.37
C LYS A 1061 -26.16 29.89 19.51
N TRP A 1062 -24.93 30.39 19.43
CA TRP A 1062 -23.95 30.09 20.45
C TRP A 1062 -23.40 31.37 20.98
N LYS A 1063 -23.05 31.41 22.26
CA LYS A 1063 -22.44 32.59 22.83
C LYS A 1063 -20.98 32.32 23.06
N LEU A 1064 -20.11 33.03 22.36
CA LEU A 1064 -18.69 32.77 22.46
C LEU A 1064 -17.97 33.64 23.46
N TYR A 1065 -17.93 33.22 24.72
CA TYR A 1065 -17.23 33.97 25.75
C TYR A 1065 -15.74 33.81 25.61
N SER A 1066 -15.02 34.92 25.44
CA SER A 1066 -13.55 34.82 25.44
C SER A 1066 -13.16 34.48 26.86
N TYR A 1067 -12.75 33.23 27.07
CA TYR A 1067 -12.46 32.80 28.41
C TYR A 1067 -11.39 31.75 28.45
N GLY A 1068 -10.62 31.74 29.54
CA GLY A 1068 -9.59 30.73 29.70
C GLY A 1068 -8.34 31.00 28.90
N ASN A 1069 -7.44 30.02 28.89
CA ASN A 1069 -6.19 30.16 28.12
CA ASN A 1069 -6.19 30.16 28.12
C ASN A 1069 -5.85 29.36 26.75
N ARG A 1070 -5.40 30.18 25.81
CA ARG A 1070 -5.07 29.53 24.52
C ARG A 1070 -3.61 29.44 24.25
N ILE A 1071 -3.18 28.37 23.60
CA ILE A 1071 -1.79 28.24 23.21
C ILE A 1071 -1.66 28.59 21.75
N ARG A 1072 -1.28 29.83 21.47
CA ARG A 1072 -1.11 30.26 20.09
C ARG A 1072 0.19 29.72 19.52
N ILE A 1073 0.09 28.67 18.71
CA ILE A 1073 1.29 28.12 18.09
C ILE A 1073 1.64 28.87 16.83
N PHE A 1074 2.64 29.74 16.92
CA PHE A 1074 3.09 30.47 15.73
C PHE A 1074 4.27 29.78 15.03
N ASP A 1084 8.02 28.38 19.80
CA ASP A 1084 7.04 28.72 18.78
C ASP A 1084 5.64 28.67 19.38
N TRP A 1085 5.53 28.96 20.66
CA TRP A 1085 4.21 29.00 21.28
C TRP A 1085 4.10 30.13 22.29
N GLU A 1086 2.87 30.58 22.56
CA GLU A 1086 2.67 31.61 23.59
C GLU A 1086 1.33 31.27 24.25
N GLU A 1087 1.28 31.31 25.57
CA GLU A 1087 0.00 31.09 26.22
C GLU A 1087 -0.73 32.40 26.43
N VAL A 1088 -1.60 32.75 25.49
CA VAL A 1088 -2.35 34.01 25.57
C VAL A 1088 -3.69 33.86 26.27
N CYS A 1089 -3.87 34.56 27.38
CA CYS A 1089 -5.17 34.54 28.05
C CYS A 1089 -6.12 35.31 27.18
N LEU A 1090 -7.30 34.76 26.95
CA LEU A 1090 -8.25 35.39 26.05
C LEU A 1090 -8.76 36.73 26.52
N THR A 1091 -9.41 36.74 27.68
CA THR A 1091 -10.00 37.98 28.19
C THR A 1091 -9.00 39.10 28.24
N SER A 1092 -7.84 38.85 28.86
CA SER A 1092 -6.82 39.88 28.98
C SER A 1092 -6.41 40.44 27.63
N ALA A 1093 -6.14 39.58 26.67
CA ALA A 1093 -5.70 40.03 25.36
C ALA A 1093 -6.77 40.84 24.67
N TYR A 1094 -8.02 40.48 24.88
CA TYR A 1094 -9.11 41.23 24.27
C TYR A 1094 -9.30 42.55 24.97
N LYS A 1095 -9.21 42.57 26.30
CA LYS A 1095 -9.30 43.82 27.03
C LYS A 1095 -8.25 44.73 26.49
N GLU A 1096 -7.03 44.24 26.36
CA GLU A 1096 -5.93 45.06 25.91
C GLU A 1096 -5.99 45.44 24.45
N LEU A 1097 -6.64 44.63 23.63
CA LEU A 1097 -6.80 44.96 22.23
C LEU A 1097 -7.75 46.11 22.15
N PHE A 1098 -8.77 46.06 22.98
CA PHE A 1098 -9.77 47.08 22.94
C PHE A 1098 -9.30 48.32 23.67
N ASN A 1099 -8.49 48.15 24.71
CA ASN A 1099 -7.93 49.31 25.41
C ASN A 1099 -7.02 50.07 24.47
N LYS A 1100 -6.13 49.35 23.79
CA LYS A 1100 -5.20 49.99 22.87
C LYS A 1100 -5.89 50.78 21.78
N TYR A 1101 -6.82 50.15 21.08
CA TYR A 1101 -7.48 50.83 19.96
C TYR A 1101 -8.47 51.90 20.37
N GLY A 1102 -8.86 51.92 21.64
CA GLY A 1102 -9.77 52.94 22.12
C GLY A 1102 -11.20 52.46 22.14
N ILE A 1103 -11.41 51.19 21.81
CA ILE A 1103 -12.75 50.64 21.82
C ILE A 1103 -13.17 50.41 23.25
N ASN A 1104 -14.04 51.27 23.75
CA ASN A 1104 -14.51 51.14 25.11
C ASN A 1104 -15.38 49.93 25.20
N TYR A 1105 -14.79 48.81 25.60
CA TYR A 1105 -15.53 47.57 25.69
C TYR A 1105 -16.64 47.67 26.72
N GLN A 1106 -16.49 48.58 27.66
CA GLN A 1106 -17.48 48.77 28.69
C GLN A 1106 -18.66 49.61 28.19
N GLN A 1107 -19.41 49.09 27.22
CA GLN A 1107 -20.49 49.86 26.62
C GLN A 1107 -21.68 48.99 26.25
N GLY A 1108 -22.00 47.99 27.06
CA GLY A 1108 -23.07 47.06 26.71
C GLY A 1108 -22.72 46.42 25.38
N ASP A 1109 -23.66 46.38 24.45
CA ASP A 1109 -23.33 45.87 23.13
C ASP A 1109 -22.36 46.83 22.50
N ILE A 1110 -21.16 46.35 22.21
CA ILE A 1110 -20.13 47.23 21.68
C ILE A 1110 -19.89 46.79 20.23
N ARG A 1111 -20.75 45.90 19.74
CA ARG A 1111 -20.61 45.42 18.37
C ARG A 1111 -20.52 46.53 17.36
N ALA A 1112 -21.34 47.56 17.51
CA ALA A 1112 -21.30 48.69 16.60
C ALA A 1112 -19.90 49.30 16.56
N LEU A 1113 -19.29 49.48 17.72
CA LEU A 1113 -17.96 50.08 17.80
C LEU A 1113 -16.91 49.16 17.21
N LEU A 1114 -17.10 47.86 17.37
CA LEU A 1114 -16.16 46.91 16.79
C LEU A 1114 -16.23 47.01 15.27
N CYS A 1115 -17.43 47.08 14.71
CA CYS A 1115 -17.57 47.28 13.27
C CYS A 1115 -17.17 48.70 12.92
N GLU A 1116 -17.27 49.60 13.88
CA GLU A 1116 -16.89 50.99 13.67
C GLU A 1116 -15.40 51.17 13.44
N GLN A 1117 -14.59 50.29 14.00
CA GLN A 1117 -13.14 50.44 13.88
C GLN A 1117 -12.70 50.54 12.44
N SER A 1118 -11.91 51.56 12.14
CA SER A 1118 -11.49 51.77 10.76
C SER A 1118 -10.11 51.20 10.53
N ASP A 1119 -9.45 50.79 11.61
CA ASP A 1119 -8.12 50.21 11.48
C ASP A 1119 -8.18 48.78 10.96
N LYS A 1120 -7.42 48.49 9.92
CA LYS A 1120 -7.41 47.15 9.34
C LYS A 1120 -6.81 46.14 10.31
N ALA A 1121 -5.70 46.52 10.92
CA ALA A 1121 -5.02 45.61 11.84
C ALA A 1121 -5.84 45.29 13.09
N PHE A 1122 -6.82 46.11 13.43
CA PHE A 1122 -7.67 45.79 14.57
C PHE A 1122 -8.28 44.45 14.32
N TYR A 1123 -9.06 44.33 13.25
CA TYR A 1123 -9.75 43.08 12.95
C TYR A 1123 -8.81 41.93 12.74
N SER A 1124 -7.62 42.20 12.22
CA SER A 1124 -6.64 41.13 12.05
C SER A 1124 -6.47 40.40 13.38
N SER A 1125 -6.08 41.14 14.41
CA SER A 1125 -5.85 40.52 15.71
C SER A 1125 -7.16 40.12 16.33
N PHE A 1126 -8.23 40.82 15.98
CA PHE A 1126 -9.55 40.51 16.51
C PHE A 1126 -9.92 39.16 15.98
N MET A 1127 -9.77 38.99 14.67
CA MET A 1127 -10.13 37.73 14.05
C MET A 1127 -9.22 36.59 14.48
N ALA A 1128 -7.97 36.91 14.80
CA ALA A 1128 -7.03 35.90 15.27
C ALA A 1128 -7.30 35.48 16.70
N LEU A 1129 -7.82 36.40 17.51
CA LEU A 1129 -8.15 36.05 18.88
C LEU A 1129 -9.46 35.32 18.87
N MET A 1130 -10.30 35.63 17.90
CA MET A 1130 -11.55 34.92 17.78
C MET A 1130 -11.23 33.52 17.35
N SER A 1131 -10.24 33.37 16.48
CA SER A 1131 -9.82 32.06 16.04
C SER A 1131 -9.34 31.25 17.24
N LEU A 1132 -8.59 31.89 18.13
CA LEU A 1132 -8.08 31.19 19.29
C LEU A 1132 -9.22 30.75 20.18
N MET A 1133 -10.17 31.65 20.39
CA MET A 1133 -11.31 31.31 21.22
C MET A 1133 -11.97 30.08 20.73
N LEU A 1134 -12.15 30.00 19.42
CA LEU A 1134 -12.85 28.88 18.82
C LEU A 1134 -11.99 27.61 18.82
N GLN A 1135 -10.66 27.76 18.78
CA GLN A 1135 -9.76 26.61 18.81
C GLN A 1135 -9.89 25.86 20.12
N MET A 1136 -10.21 24.57 20.04
CA MET A 1136 -10.41 23.78 21.24
C MET A 1136 -9.18 22.99 21.63
N ARG A 1137 -8.70 22.12 20.75
CA ARG A 1137 -7.48 21.39 21.03
C ARG A 1137 -6.37 22.39 21.22
N ASN A 1138 -5.76 22.37 22.40
CA ASN A 1138 -4.66 23.28 22.65
C ASN A 1138 -3.55 22.47 23.29
N SER A 1139 -2.37 22.46 22.68
CA SER A 1139 -1.26 21.67 23.21
C SER A 1139 0.09 22.28 22.88
N ILE A 1140 0.97 22.41 23.87
CA ILE A 1140 2.28 23.01 23.64
C ILE A 1140 3.09 22.10 22.76
N THR A 1141 3.60 22.62 21.66
CA THR A 1141 4.41 21.82 20.76
C THR A 1141 5.60 21.20 21.46
N GLY A 1142 5.54 19.91 21.73
CA GLY A 1142 6.64 19.23 22.40
C GLY A 1142 6.31 18.70 23.78
N ARG A 1143 6.07 19.60 24.73
CA ARG A 1143 5.80 19.18 26.10
C ARG A 1143 4.55 18.35 26.23
N THR A 1144 4.71 17.06 26.50
CA THR A 1144 3.57 16.17 26.62
C THR A 1144 2.93 16.28 27.99
N ASP A 1145 1.72 16.83 28.05
CA ASP A 1145 1.02 16.96 29.32
C ASP A 1145 0.04 18.12 29.25
N VAL A 1146 0.27 19.04 28.32
CA VAL A 1146 -0.63 20.15 28.14
C VAL A 1146 -1.62 19.79 27.07
N ASP A 1147 -2.06 18.54 27.06
CA ASP A 1147 -3.07 18.14 26.10
C ASP A 1147 -4.43 18.43 26.68
N PHE A 1148 -4.98 19.59 26.37
CA PHE A 1148 -6.29 19.96 26.88
C PHE A 1148 -7.22 20.51 25.83
N LEU A 1149 -8.51 20.42 26.10
CA LEU A 1149 -9.48 20.99 25.18
C LEU A 1149 -10.13 22.12 25.94
N ILE A 1150 -10.47 23.21 25.27
CA ILE A 1150 -11.16 24.30 25.95
C ILE A 1150 -12.29 24.94 25.12
N SER A 1151 -13.51 24.92 25.66
CA SER A 1151 -14.66 25.46 24.93
C SER A 1151 -14.84 26.95 25.05
N PRO A 1152 -15.25 27.61 23.95
CA PRO A 1152 -15.55 29.03 24.06
C PRO A 1152 -16.98 29.23 24.51
N VAL A 1153 -17.75 28.16 24.64
CA VAL A 1153 -19.13 28.27 25.02
C VAL A 1153 -19.36 27.54 26.32
N LYS A 1154 -20.28 28.03 27.13
CA LYS A 1154 -20.60 27.36 28.37
C LYS A 1154 -21.68 26.35 28.11
N ASN A 1155 -21.81 25.36 28.99
CA ASN A 1155 -22.86 24.38 28.84
C ASN A 1155 -24.14 24.80 29.52
N SER A 1156 -24.96 23.83 29.92
CA SER A 1156 -26.20 24.13 30.60
C SER A 1156 -25.96 24.41 32.07
N ASP A 1157 -24.77 24.12 32.55
CA ASP A 1157 -24.43 24.39 33.94
C ASP A 1157 -23.50 25.58 34.01
N GLY A 1158 -23.27 26.24 32.88
CA GLY A 1158 -22.45 27.44 32.88
C GLY A 1158 -20.95 27.25 32.84
N ILE A 1159 -20.49 26.01 32.90
CA ILE A 1159 -19.05 25.76 32.94
C ILE A 1159 -18.44 25.61 31.57
N PHE A 1160 -17.23 26.13 31.41
CA PHE A 1160 -16.54 25.98 30.15
C PHE A 1160 -15.74 24.71 30.31
N TYR A 1161 -15.90 23.77 29.39
CA TYR A 1161 -15.19 22.51 29.49
C TYR A 1161 -13.70 22.70 29.43
N ASP A 1162 -12.97 22.05 30.33
CA ASP A 1162 -11.52 22.10 30.28
C ASP A 1162 -11.09 20.66 30.29
N SER A 1163 -10.11 20.32 29.46
CA SER A 1163 -9.61 18.94 29.42
C SER A 1163 -8.70 18.75 30.57
N ARG A 1164 -8.05 19.83 31.01
CA ARG A 1164 -7.11 19.76 32.11
C ARG A 1164 -7.80 19.53 33.43
N ASN A 1165 -9.10 19.80 33.50
CA ASN A 1165 -9.84 19.54 34.70
C ASN A 1165 -10.05 18.05 34.74
N TYR A 1166 -10.30 17.46 33.59
CA TYR A 1166 -10.56 16.03 33.53
C TYR A 1166 -9.30 15.19 33.46
N GLU A 1167 -8.18 15.79 33.07
CA GLU A 1167 -6.91 15.05 32.99
C GLU A 1167 -6.41 14.81 34.37
N ALA A 1168 -6.80 15.66 35.31
CA ALA A 1168 -6.42 15.46 36.68
C ALA A 1168 -7.17 14.25 37.23
N GLN A 1169 -8.43 14.10 36.83
CA GLN A 1169 -9.22 12.97 37.29
C GLN A 1169 -8.80 11.68 36.63
N GLU A 1170 -9.03 10.57 37.31
CA GLU A 1170 -8.71 9.28 36.73
C GLU A 1170 -9.92 8.81 35.97
N ASN A 1171 -11.09 8.92 36.61
CA ASN A 1171 -12.32 8.54 35.94
C ASN A 1171 -13.02 9.76 35.38
N ALA A 1172 -12.42 10.36 34.36
CA ALA A 1172 -13.00 11.53 33.74
C ALA A 1172 -14.23 11.16 32.92
N ILE A 1173 -15.20 12.06 32.86
CA ILE A 1173 -16.44 11.77 32.16
C ILE A 1173 -16.44 12.38 30.77
N LEU A 1174 -15.58 13.34 30.55
CA LEU A 1174 -15.49 13.94 29.24
C LEU A 1174 -14.06 13.68 28.86
N PRO A 1175 -13.72 13.83 27.58
CA PRO A 1175 -12.33 13.67 27.19
C PRO A 1175 -11.31 14.33 28.11
N LYS A 1176 -10.29 13.57 28.48
CA LYS A 1176 -9.23 14.12 29.31
C LYS A 1176 -8.16 14.81 28.49
N ASN A 1177 -8.14 14.60 27.19
CA ASN A 1177 -7.20 15.33 26.34
C ASN A 1177 -7.71 15.53 24.93
N ALA A 1178 -6.87 16.08 24.07
CA ALA A 1178 -7.26 16.32 22.69
C ALA A 1178 -7.51 15.06 21.88
N ASP A 1179 -6.59 14.09 21.98
CA ASP A 1179 -6.72 12.86 21.22
C ASP A 1179 -7.77 11.94 21.81
N ALA A 1180 -8.07 12.13 23.08
CA ALA A 1180 -9.12 11.34 23.68
C ALA A 1180 -10.43 11.82 23.10
N ASN A 1181 -10.53 13.11 22.82
CA ASN A 1181 -11.75 13.66 22.25
C ASN A 1181 -11.94 12.99 20.92
N GLY A 1182 -10.90 12.99 20.10
CA GLY A 1182 -11.00 12.37 18.79
C GLY A 1182 -11.59 10.98 18.81
N ALA A 1183 -10.98 10.10 19.56
CA ALA A 1183 -11.48 8.75 19.65
C ALA A 1183 -12.86 8.70 20.28
N TYR A 1184 -13.20 9.73 21.05
CA TYR A 1184 -14.51 9.80 21.71
C TYR A 1184 -15.58 10.00 20.68
N ASN A 1185 -15.35 10.94 19.77
CA ASN A 1185 -16.37 11.25 18.80
C ASN A 1185 -16.29 10.41 17.55
N ILE A 1186 -15.27 9.57 17.42
CA ILE A 1186 -15.21 8.65 16.29
C ILE A 1186 -16.04 7.48 16.77
N ALA A 1187 -16.11 7.31 18.08
CA ALA A 1187 -16.92 6.27 18.65
C ALA A 1187 -18.30 6.82 18.81
N ARG A 1188 -18.47 8.09 18.46
CA ARG A 1188 -19.80 8.70 18.53
C ARG A 1188 -20.39 8.90 17.16
N LYS A 1189 -19.53 9.01 16.14
CA LYS A 1189 -20.03 9.11 14.78
C LYS A 1189 -20.57 7.74 14.47
N VAL A 1190 -19.91 6.70 14.98
CA VAL A 1190 -20.43 5.36 14.81
C VAL A 1190 -21.66 5.22 15.65
N LEU A 1191 -21.78 6.04 16.67
CA LEU A 1191 -22.98 6.00 17.52
C LEU A 1191 -24.18 6.60 16.83
N TRP A 1192 -23.97 7.58 15.95
CA TRP A 1192 -25.08 8.10 15.17
C TRP A 1192 -25.53 6.93 14.34
N ALA A 1193 -24.58 6.22 13.74
CA ALA A 1193 -24.92 5.08 12.91
C ALA A 1193 -25.74 4.04 13.63
N ILE A 1194 -25.39 3.75 14.88
CA ILE A 1194 -26.09 2.71 15.62
C ILE A 1194 -27.51 3.17 15.90
N GLY A 1195 -27.70 4.45 16.17
CA GLY A 1195 -29.04 4.96 16.36
C GLY A 1195 -29.82 4.80 15.07
N GLN A 1196 -29.15 4.99 13.94
CA GLN A 1196 -29.79 4.86 12.64
C GLN A 1196 -30.30 3.45 12.39
N PHE A 1197 -29.67 2.45 13.00
CA PHE A 1197 -30.12 1.08 12.85
C PHE A 1197 -31.39 0.83 13.65
N LYS A 1198 -31.59 1.58 14.72
CA LYS A 1198 -32.84 1.45 15.47
C LYS A 1198 -33.87 2.43 14.92
N LYS A 1199 -33.47 3.26 13.96
CA LYS A 1199 -34.40 4.20 13.34
C LYS A 1199 -34.74 3.70 11.95
N ALA A 1200 -34.07 2.65 11.50
CA ALA A 1200 -34.37 2.06 10.21
C ALA A 1200 -34.97 0.67 10.41
N GLU A 1201 -35.68 0.16 9.41
CA GLU A 1201 -36.35 -1.13 9.57
C GLU A 1201 -35.41 -2.32 9.52
N ASP A 1202 -35.73 -3.34 10.30
CA ASP A 1202 -34.90 -4.55 10.37
C ASP A 1202 -34.54 -5.09 8.99
N GLU A 1203 -35.54 -5.49 8.22
CA GLU A 1203 -35.28 -6.02 6.90
C GLU A 1203 -34.61 -4.97 6.03
N LYS A 1204 -34.54 -3.74 6.52
CA LYS A 1204 -33.97 -2.66 5.73
C LYS A 1204 -32.59 -2.29 6.20
N LEU A 1205 -32.11 -2.95 7.26
CA LEU A 1205 -30.77 -2.70 7.76
C LEU A 1205 -29.77 -3.28 6.79
N ASP A 1206 -29.37 -2.51 5.79
CA ASP A 1206 -28.44 -2.98 4.78
C ASP A 1206 -28.00 -1.78 3.97
N LYS A 1207 -28.95 -0.91 3.67
CA LYS A 1207 -28.64 0.25 2.85
C LYS A 1207 -28.63 1.53 3.66
N VAL A 1208 -28.89 1.43 4.95
CA VAL A 1208 -28.84 2.59 5.81
C VAL A 1208 -27.47 3.19 5.71
N LYS A 1209 -27.37 4.36 5.10
CA LYS A 1209 -26.10 5.01 4.96
C LYS A 1209 -25.52 5.29 6.32
N ILE A 1210 -24.33 4.75 6.58
CA ILE A 1210 -23.67 5.00 7.85
C ILE A 1210 -22.74 6.15 7.59
N ALA A 1211 -22.66 6.58 6.33
CA ALA A 1211 -21.83 7.71 5.99
C ALA A 1211 -22.44 8.87 6.70
N ILE A 1212 -21.78 9.34 7.74
CA ILE A 1212 -22.33 10.42 8.52
C ILE A 1212 -21.88 11.72 7.90
N SER A 1213 -22.83 12.48 7.40
CA SER A 1213 -22.52 13.76 6.82
C SER A 1213 -22.37 14.74 7.94
N ASN A 1214 -21.76 15.88 7.67
CA ASN A 1214 -21.51 16.82 8.74
C ASN A 1214 -22.78 17.53 9.22
N LYS A 1215 -23.94 17.23 8.64
CA LYS A 1215 -25.19 17.86 9.04
C LYS A 1215 -26.01 16.97 9.95
N GLU A 1216 -25.69 15.69 10.02
CA GLU A 1216 -26.36 14.81 10.98
C GLU A 1216 -25.37 14.72 12.09
N TRP A 1217 -24.16 15.21 11.84
CA TRP A 1217 -23.18 15.32 12.88
C TRP A 1217 -23.40 16.80 13.11
N LEU A 1218 -22.81 17.41 14.12
CA LEU A 1218 -23.11 18.81 14.42
C LEU A 1218 -24.61 18.90 14.58
N GLU A 1219 -25.19 17.90 15.21
CA GLU A 1219 -26.63 17.79 15.44
C GLU A 1219 -26.20 16.52 16.11
N TYR A 1220 -26.81 16.08 17.21
CA TYR A 1220 -26.32 14.92 18.00
C TYR A 1220 -25.07 15.35 18.76
N ALA A 1221 -24.07 15.90 18.08
CA ALA A 1221 -22.90 16.44 18.75
C ALA A 1221 -23.29 17.73 19.44
N GLN A 1222 -24.37 18.36 18.98
CA GLN A 1222 -24.81 19.62 19.56
C GLN A 1222 -26.18 19.47 20.17
N THR A 1223 -26.63 18.25 20.38
CA THR A 1223 -27.99 18.04 20.87
C THR A 1223 -28.19 16.89 21.84
N SER A 1224 -27.28 15.92 21.86
CA SER A 1224 -27.38 14.83 22.83
C SER A 1224 -26.59 15.21 24.05
N VAL A 1225 -25.69 16.18 23.90
CA VAL A 1225 -24.92 16.65 25.03
C VAL A 1225 -25.42 18.01 25.50
#